data_5NPA
#
_entry.id   5NPA
#
_entity_poly.entity_id   1
_entity_poly.type   'polypeptide(L)'
_entity_poly.pdbx_seq_one_letter_code
;DKTVGIGWLQEMCMQRRWPPPSYETETEVGLPHERLFTIACSILNYREMGKGKSKKIAKRLAAHRMWMRLQE
;
_entity_poly.pdbx_strand_id   A
#
# COMPACT_ATOMS: atom_id res chain seq x y z
N ILE A 6 1.55 -4.02 8.71
CA ILE A 6 1.56 -4.62 7.39
C ILE A 6 1.86 -6.11 7.48
N GLY A 7 2.74 -6.49 8.39
CA GLY A 7 3.10 -7.89 8.58
C GLY A 7 1.87 -8.74 8.90
N TRP A 8 1.00 -8.20 9.76
CA TRP A 8 -0.23 -8.89 10.11
C TRP A 8 -1.12 -9.12 8.89
N LEU A 9 -1.17 -8.12 8.01
CA LEU A 9 -1.96 -8.22 6.79
C LEU A 9 -1.41 -9.30 5.87
N GLN A 10 -0.09 -9.40 5.79
CA GLN A 10 0.56 -10.46 5.03
C GLN A 10 0.25 -11.83 5.61
N GLU A 11 0.25 -11.92 6.93
CA GLU A 11 -0.11 -13.15 7.61
C GLU A 11 -1.52 -13.57 7.30
N MET A 12 -2.44 -12.61 7.31
CA MET A 12 -3.83 -12.86 6.96
C MET A 12 -3.96 -13.35 5.53
N CYS A 13 -3.24 -12.70 4.62
CA CYS A 13 -3.21 -13.12 3.23
C CYS A 13 -2.82 -14.60 3.10
N MET A 14 -1.75 -14.97 3.79
CA MET A 14 -1.30 -16.36 3.79
C MET A 14 -2.36 -17.30 4.34
N GLN A 15 -2.96 -16.91 5.47
CA GLN A 15 -3.98 -17.73 6.11
C GLN A 15 -5.20 -17.89 5.22
N ARG A 16 -5.47 -16.88 4.40
CA ARG A 16 -6.61 -16.91 3.49
C ARG A 16 -6.23 -17.56 2.17
N ARG A 17 -4.96 -17.95 2.04
CA ARG A 17 -4.47 -18.59 0.83
C ARG A 17 -4.66 -17.70 -0.39
N TRP A 18 -4.44 -16.40 -0.20
CA TRP A 18 -4.55 -15.45 -1.30
C TRP A 18 -3.18 -15.10 -1.87
N PRO A 19 -3.16 -14.61 -3.11
CA PRO A 19 -1.93 -14.12 -3.71
C PRO A 19 -1.25 -13.08 -2.83
N PRO A 20 0.08 -13.12 -2.80
CA PRO A 20 0.85 -12.18 -1.99
C PRO A 20 0.70 -10.76 -2.52
N PRO A 21 0.69 -9.80 -1.59
CA PRO A 21 0.54 -8.40 -1.96
C PRO A 21 1.81 -7.84 -2.59
N SER A 22 1.64 -6.86 -3.47
CA SER A 22 2.78 -6.20 -4.10
C SER A 22 2.62 -4.68 -4.06
N TYR A 23 3.75 -3.98 -4.05
CA TYR A 23 3.75 -2.53 -3.88
C TYR A 23 4.43 -1.84 -5.04
N GLU A 24 3.81 -0.78 -5.54
CA GLU A 24 4.43 0.07 -6.56
C GLU A 24 4.67 1.47 -6.04
N THR A 25 5.93 1.83 -5.89
CA THR A 25 6.31 3.09 -5.25
C THR A 25 6.60 4.17 -6.29
N GLU A 26 5.83 5.26 -6.23
CA GLU A 26 6.13 6.45 -7.01
C GLU A 26 6.80 7.51 -6.15
N THR A 27 7.95 8.00 -6.61
CA THR A 27 8.74 8.94 -5.82
C THR A 27 8.70 10.34 -6.43
N GLU A 28 9.22 11.32 -5.69
CA GLU A 28 9.30 12.68 -6.18
C GLU A 28 7.91 13.22 -6.52
N VAL A 29 6.97 13.02 -5.60
CA VAL A 29 5.60 13.50 -5.78
C VAL A 29 5.42 14.90 -5.21
N GLY A 30 4.77 15.77 -5.97
CA GLY A 30 4.51 17.13 -5.53
C GLY A 30 5.63 18.07 -5.96
N LEU A 31 5.78 19.17 -5.23
CA LEU A 31 6.78 20.18 -5.57
C LEU A 31 8.19 19.72 -5.22
N PRO A 32 9.18 20.29 -5.90
CA PRO A 32 10.57 19.96 -5.64
C PRO A 32 10.92 20.14 -4.17
N HIS A 33 10.28 21.13 -3.53
CA HIS A 33 10.57 21.45 -2.15
C HIS A 33 9.65 20.67 -1.20
N GLU A 34 8.65 20.00 -1.77
CA GLU A 34 7.73 19.19 -0.98
C GLU A 34 7.76 17.73 -1.42
N ARG A 35 8.84 17.04 -1.08
CA ARG A 35 9.06 15.67 -1.54
C ARG A 35 8.08 14.71 -0.89
N LEU A 36 7.02 14.37 -1.60
CA LEU A 36 6.06 13.37 -1.13
C LEU A 36 6.23 12.04 -1.85
N PHE A 37 5.62 11.00 -1.30
CA PHE A 37 5.66 9.68 -1.92
C PHE A 37 4.26 9.07 -2.04
N THR A 38 4.02 8.38 -3.14
CA THR A 38 2.74 7.74 -3.37
C THR A 38 2.91 6.26 -3.74
N ILE A 39 2.34 5.38 -2.94
CA ILE A 39 2.55 3.95 -3.09
C ILE A 39 1.23 3.21 -3.26
N ALA A 40 1.14 2.39 -4.29
CA ALA A 40 -0.05 1.56 -4.51
C ALA A 40 0.19 0.12 -4.09
N CYS A 41 -0.84 -0.53 -3.58
CA CYS A 41 -0.73 -1.91 -3.11
C CYS A 41 -1.81 -2.78 -3.74
N SER A 42 -1.39 -3.85 -4.41
CA SER A 42 -2.31 -4.75 -5.08
C SER A 42 -2.30 -6.13 -4.42
N ILE A 43 -3.46 -6.77 -4.36
CA ILE A 43 -3.59 -8.07 -3.73
C ILE A 43 -4.83 -8.80 -4.24
N LEU A 44 -4.66 -10.09 -4.54
CA LEU A 44 -5.77 -10.92 -5.00
C LEU A 44 -6.40 -10.34 -6.27
N ASN A 45 -7.49 -9.59 -6.10
CA ASN A 45 -8.19 -9.00 -7.23
C ASN A 45 -8.29 -7.48 -7.09
N TYR A 46 -7.83 -6.97 -5.94
CA TYR A 46 -8.09 -5.59 -5.56
C TYR A 46 -6.79 -4.77 -5.57
N ARG A 47 -6.95 -3.45 -5.48
CA ARG A 47 -5.79 -2.55 -5.42
C ARG A 47 -6.17 -1.21 -4.83
N GLU A 48 -5.38 -0.75 -3.86
CA GLU A 48 -5.61 0.54 -3.23
C GLU A 48 -4.31 1.31 -3.07
N MET A 49 -4.39 2.63 -3.10
CA MET A 49 -3.21 3.49 -3.16
C MET A 49 -3.26 4.56 -2.08
N GLY A 50 -2.12 4.77 -1.42
CA GLY A 50 -2.00 5.82 -0.42
C GLY A 50 -0.77 6.69 -0.67
N LYS A 51 -0.66 7.78 0.08
CA LYS A 51 0.45 8.72 -0.09
C LYS A 51 0.74 9.46 1.21
N GLY A 52 1.95 10.00 1.31
CA GLY A 52 2.37 10.72 2.51
C GLY A 52 3.71 11.41 2.30
N LYS A 53 4.35 11.78 3.40
CA LYS A 53 5.62 12.51 3.33
C LYS A 53 6.80 11.55 3.25
N SER A 54 6.53 10.26 3.40
CA SER A 54 7.57 9.24 3.32
C SER A 54 7.04 7.96 2.69
N LYS A 55 7.95 7.10 2.26
CA LYS A 55 7.59 5.80 1.72
C LYS A 55 6.90 4.94 2.77
N LYS A 56 7.35 5.05 4.01
CA LYS A 56 6.76 4.33 5.12
C LYS A 56 5.28 4.69 5.27
N ILE A 57 4.99 5.98 5.30
CA ILE A 57 3.62 6.46 5.45
C ILE A 57 2.74 6.01 4.30
N ALA A 58 3.20 6.24 3.08
CA ALA A 58 2.44 5.89 1.89
C ALA A 58 2.17 4.40 1.84
N LYS A 59 3.19 3.60 2.16
CA LYS A 59 3.07 2.15 2.11
C LYS A 59 2.05 1.64 3.13
N ARG A 60 2.15 2.15 4.35
CA ARG A 60 1.26 1.74 5.42
C ARG A 60 -0.19 2.12 5.10
N LEU A 61 -0.37 3.30 4.55
CA LEU A 61 -1.69 3.77 4.17
C LEU A 61 -2.27 2.94 3.02
N ALA A 62 -1.42 2.59 2.06
CA ALA A 62 -1.81 1.73 0.96
C ALA A 62 -2.30 0.38 1.46
N ALA A 63 -1.54 -0.23 2.36
CA ALA A 63 -1.89 -1.52 2.93
C ALA A 63 -3.17 -1.42 3.77
N HIS A 64 -3.29 -0.33 4.52
CA HIS A 64 -4.49 -0.08 5.32
C HIS A 64 -5.73 -0.05 4.44
N ARG A 65 -5.70 0.79 3.41
CA ARG A 65 -6.80 0.90 2.47
C ARG A 65 -7.04 -0.42 1.76
N MET A 66 -5.97 -1.11 1.41
CA MET A 66 -6.06 -2.44 0.80
C MET A 66 -6.95 -3.36 1.62
N TRP A 67 -6.66 -3.45 2.92
CA TRP A 67 -7.44 -4.29 3.82
C TRP A 67 -8.90 -3.85 3.84
N MET A 68 -9.11 -2.54 3.97
CA MET A 68 -10.47 -1.99 3.96
C MET A 68 -11.24 -2.41 2.72
N ARG A 69 -10.56 -2.40 1.59
CA ARG A 69 -11.18 -2.81 0.33
C ARG A 69 -11.49 -4.30 0.31
N LEU A 70 -10.55 -5.10 0.80
CA LEU A 70 -10.75 -6.53 0.93
C LEU A 70 -11.97 -6.84 1.80
N GLN A 71 -12.17 -6.03 2.83
CA GLN A 71 -13.30 -6.22 3.74
C GLN A 71 -14.47 -5.34 3.34
N GLU A 72 -14.48 -4.89 2.09
CA GLU A 72 -15.56 -4.05 1.57
C GLU A 72 -16.55 -4.88 0.75
N ILE A 6 2.60 -2.16 4.90
CA ILE A 6 2.26 -3.13 3.88
C ILE A 6 2.78 -4.51 4.24
N GLY A 7 3.79 -4.56 5.10
CA GLY A 7 4.36 -5.82 5.55
C GLY A 7 3.33 -6.66 6.29
N TRP A 8 2.70 -6.07 7.31
CA TRP A 8 1.68 -6.75 8.08
C TRP A 8 0.56 -7.27 7.18
N LEU A 9 0.21 -6.48 6.16
CA LEU A 9 -0.87 -6.84 5.25
C LEU A 9 -0.48 -8.05 4.40
N GLN A 10 0.73 -8.02 3.85
CA GLN A 10 1.23 -9.15 3.08
C GLN A 10 1.30 -10.41 3.92
N GLU A 11 1.70 -10.27 5.18
CA GLU A 11 1.77 -11.40 6.10
C GLU A 11 0.41 -12.05 6.28
N MET A 12 -0.61 -11.22 6.52
CA MET A 12 -1.97 -11.71 6.66
C MET A 12 -2.44 -12.42 5.40
N CYS A 13 -2.13 -11.85 4.24
CA CYS A 13 -2.53 -12.43 2.97
C CYS A 13 -1.91 -13.81 2.78
N MET A 14 -0.64 -13.93 3.12
CA MET A 14 0.05 -15.22 3.08
C MET A 14 -0.59 -16.22 4.03
N GLN A 15 -0.93 -15.76 5.22
CA GLN A 15 -1.60 -16.60 6.21
C GLN A 15 -2.98 -17.02 5.73
N ARG A 16 -3.60 -16.19 4.90
CA ARG A 16 -4.90 -16.49 4.32
C ARG A 16 -4.76 -17.24 3.01
N ARG A 17 -3.54 -17.63 2.68
CA ARG A 17 -3.29 -18.44 1.49
C ARG A 17 -3.74 -17.73 0.23
N TRP A 18 -3.47 -16.43 0.16
CA TRP A 18 -3.83 -15.63 -1.01
C TRP A 18 -2.62 -15.43 -1.92
N PRO A 19 -2.89 -15.10 -3.18
CA PRO A 19 -1.83 -14.83 -4.14
C PRO A 19 -0.89 -13.75 -3.62
N PRO A 20 0.39 -13.86 -3.97
CA PRO A 20 1.39 -12.89 -3.55
C PRO A 20 0.94 -11.47 -3.83
N PRO A 21 0.71 -10.71 -2.76
CA PRO A 21 0.32 -9.31 -2.89
C PRO A 21 1.34 -8.53 -3.71
N SER A 22 0.85 -7.64 -4.56
CA SER A 22 1.71 -6.82 -5.40
C SER A 22 1.81 -5.39 -4.87
N TYR A 23 3.04 -4.93 -4.64
CA TYR A 23 3.27 -3.57 -4.16
C TYR A 23 4.20 -2.82 -5.10
N GLU A 24 3.89 -1.54 -5.32
CA GLU A 24 4.75 -0.67 -6.11
C GLU A 24 5.05 0.63 -5.37
N THR A 25 6.28 1.10 -5.49
CA THR A 25 6.74 2.28 -4.76
C THR A 25 7.14 3.40 -5.71
N GLU A 26 6.55 4.57 -5.50
CA GLU A 26 6.95 5.77 -6.24
C GLU A 26 8.05 6.52 -5.53
N THR A 27 8.80 7.32 -6.28
CA THR A 27 9.96 8.02 -5.74
C THR A 27 9.92 9.50 -6.09
N GLU A 28 10.11 10.35 -5.09
CA GLU A 28 10.11 11.79 -5.29
C GLU A 28 8.85 12.26 -6.00
N VAL A 29 7.70 12.06 -5.36
CA VAL A 29 6.43 12.50 -5.92
C VAL A 29 6.17 13.97 -5.62
N GLY A 30 5.74 14.71 -6.63
CA GLY A 30 5.40 16.12 -6.46
C GLY A 30 6.63 17.00 -6.59
N LEU A 31 6.67 18.08 -5.83
CA LEU A 31 7.74 19.06 -5.93
C LEU A 31 9.02 18.52 -5.29
N PRO A 32 10.16 18.94 -5.83
CA PRO A 32 11.46 18.58 -5.25
C PRO A 32 11.53 18.96 -3.78
N HIS A 33 10.95 20.10 -3.43
CA HIS A 33 10.90 20.54 -2.05
C HIS A 33 9.93 19.69 -1.24
N GLU A 34 8.68 19.65 -1.67
CA GLU A 34 7.66 18.86 -0.99
C GLU A 34 7.71 17.41 -1.46
N ARG A 35 8.83 16.74 -1.19
CA ARG A 35 9.02 15.36 -1.63
C ARG A 35 8.02 14.43 -0.96
N LEU A 36 7.08 13.92 -1.75
CA LEU A 36 6.11 12.94 -1.26
C LEU A 36 6.44 11.55 -1.78
N PHE A 37 5.75 10.55 -1.24
CA PHE A 37 5.87 9.18 -1.73
C PHE A 37 4.51 8.52 -1.86
N THR A 38 4.38 7.64 -2.85
CA THR A 38 3.10 6.97 -3.11
C THR A 38 3.28 5.46 -3.22
N ILE A 39 2.46 4.71 -2.50
CA ILE A 39 2.48 3.26 -2.57
C ILE A 39 1.22 2.71 -3.22
N ALA A 40 1.40 1.88 -4.25
CA ALA A 40 0.28 1.23 -4.91
C ALA A 40 0.19 -0.24 -4.52
N CYS A 41 -1.01 -0.68 -4.16
CA CYS A 41 -1.22 -2.06 -3.71
C CYS A 41 -2.26 -2.75 -4.57
N SER A 42 -1.99 -4.00 -4.92
CA SER A 42 -2.96 -4.83 -5.63
C SER A 42 -3.05 -6.22 -5.02
N ILE A 43 -4.23 -6.57 -4.52
CA ILE A 43 -4.45 -7.87 -3.89
C ILE A 43 -5.76 -8.50 -4.35
N LEU A 44 -5.69 -9.75 -4.78
CA LEU A 44 -6.85 -10.44 -5.33
C LEU A 44 -7.44 -9.68 -6.51
N ASN A 45 -8.66 -9.19 -6.33
CA ASN A 45 -9.33 -8.42 -7.38
C ASN A 45 -9.46 -6.95 -6.97
N TYR A 46 -8.63 -6.53 -6.02
CA TYR A 46 -8.71 -5.18 -5.49
C TYR A 46 -7.45 -4.39 -5.83
N ARG A 47 -7.62 -3.09 -6.08
CA ARG A 47 -6.50 -2.20 -6.34
C ARG A 47 -6.70 -0.86 -5.66
N GLU A 48 -5.75 -0.47 -4.80
CA GLU A 48 -5.89 0.72 -3.99
C GLU A 48 -4.53 1.37 -3.73
N MET A 49 -4.53 2.69 -3.59
CA MET A 49 -3.28 3.44 -3.47
C MET A 49 -3.31 4.35 -2.26
N GLY A 50 -2.12 4.68 -1.74
CA GLY A 50 -2.00 5.67 -0.69
C GLY A 50 -0.69 6.45 -0.82
N LYS A 51 -0.64 7.62 -0.19
CA LYS A 51 0.50 8.51 -0.32
C LYS A 51 0.71 9.34 0.95
N GLY A 52 1.91 9.86 1.13
CA GLY A 52 2.24 10.66 2.30
C GLY A 52 3.58 11.36 2.13
N LYS A 53 4.05 11.98 3.21
CA LYS A 53 5.32 12.71 3.18
C LYS A 53 6.50 11.76 3.28
N SER A 54 6.26 10.56 3.79
CA SER A 54 7.30 9.55 3.92
C SER A 54 6.84 8.22 3.32
N LYS A 55 7.82 7.37 2.98
CA LYS A 55 7.52 6.05 2.43
C LYS A 55 6.72 5.22 3.42
N LYS A 56 7.10 5.27 4.69
CA LYS A 56 6.43 4.52 5.73
C LYS A 56 4.97 4.96 5.88
N ILE A 57 4.75 6.27 5.80
CA ILE A 57 3.40 6.82 5.87
C ILE A 57 2.54 6.32 4.71
N ALA A 58 3.07 6.42 3.50
CA ALA A 58 2.35 5.98 2.32
C ALA A 58 2.05 4.49 2.38
N LYS A 59 3.01 3.72 2.88
CA LYS A 59 2.82 2.28 3.02
C LYS A 59 1.68 1.96 3.99
N ARG A 60 1.71 2.60 5.15
CA ARG A 60 0.70 2.37 6.18
C ARG A 60 -0.69 2.73 5.67
N LEU A 61 -0.79 3.86 4.99
CA LEU A 61 -2.07 4.33 4.47
C LEU A 61 -2.60 3.41 3.38
N ALA A 62 -1.73 3.05 2.44
CA ALA A 62 -2.10 2.15 1.35
C ALA A 62 -2.55 0.80 1.88
N ALA A 63 -1.82 0.29 2.86
CA ALA A 63 -2.14 -1.01 3.46
C ALA A 63 -3.50 -0.98 4.13
N HIS A 64 -3.74 0.05 4.93
CA HIS A 64 -5.01 0.20 5.63
C HIS A 64 -6.17 0.32 4.66
N ARG A 65 -5.99 1.12 3.62
CA ARG A 65 -7.02 1.33 2.61
C ARG A 65 -7.36 0.03 1.88
N MET A 66 -6.32 -0.70 1.48
CA MET A 66 -6.50 -2.00 0.85
C MET A 66 -7.20 -2.98 1.79
N TRP A 67 -6.80 -2.97 3.05
CA TRP A 67 -7.42 -3.82 4.07
C TRP A 67 -8.93 -3.60 4.11
N MET A 68 -9.35 -2.33 4.11
CA MET A 68 -10.77 -2.00 4.07
C MET A 68 -11.43 -2.54 2.81
N ARG A 69 -10.74 -2.40 1.68
CA ARG A 69 -11.23 -2.93 0.42
C ARG A 69 -11.41 -4.45 0.50
N LEU A 70 -10.46 -5.12 1.14
CA LEU A 70 -10.48 -6.57 1.24
C LEU A 70 -11.63 -7.04 2.14
N GLN A 71 -11.86 -6.31 3.22
CA GLN A 71 -12.95 -6.61 4.13
C GLN A 71 -14.30 -6.38 3.47
N GLU A 72 -14.39 -5.31 2.68
CA GLU A 72 -15.60 -5.00 1.95
C GLU A 72 -15.92 -6.09 0.93
N ILE A 6 4.82 -3.98 3.95
CA ILE A 6 4.40 -5.05 3.04
C ILE A 6 4.36 -6.39 3.76
N GLY A 7 5.20 -6.55 4.77
CA GLY A 7 5.25 -7.79 5.55
C GLY A 7 3.88 -8.13 6.12
N TRP A 8 3.15 -7.11 6.53
CA TRP A 8 1.80 -7.30 7.06
C TRP A 8 0.87 -7.86 5.99
N LEU A 9 1.00 -7.33 4.77
CA LEU A 9 0.20 -7.81 3.65
C LEU A 9 0.54 -9.25 3.31
N GLN A 10 1.81 -9.61 3.42
CA GLN A 10 2.26 -10.97 3.17
C GLN A 10 1.65 -11.94 4.16
N GLU A 11 1.74 -11.61 5.44
CA GLU A 11 1.17 -12.44 6.50
C GLU A 11 -0.34 -12.56 6.34
N MET A 12 -1.00 -11.45 6.03
CA MET A 12 -2.43 -11.44 5.77
C MET A 12 -2.79 -12.43 4.66
N CYS A 13 -2.11 -12.32 3.53
CA CYS A 13 -2.35 -13.20 2.40
C CYS A 13 -2.17 -14.67 2.79
N MET A 14 -1.08 -14.96 3.48
CA MET A 14 -0.78 -16.32 3.91
C MET A 14 -1.92 -16.88 4.75
N GLN A 15 -2.37 -16.11 5.73
CA GLN A 15 -3.43 -16.55 6.62
C GLN A 15 -4.75 -16.76 5.87
N ARG A 16 -5.00 -15.90 4.89
CA ARG A 16 -6.25 -15.95 4.15
C ARG A 16 -6.14 -16.85 2.92
N ARG A 17 -5.04 -17.59 2.84
CA ARG A 17 -4.85 -18.56 1.77
C ARG A 17 -4.89 -17.88 0.41
N TRP A 18 -4.37 -16.67 0.34
CA TRP A 18 -4.33 -15.92 -0.91
C TRP A 18 -2.93 -15.93 -1.51
N PRO A 19 -2.85 -15.66 -2.81
CA PRO A 19 -1.56 -15.58 -3.49
C PRO A 19 -0.71 -14.45 -2.93
N PRO A 20 0.58 -14.49 -3.22
CA PRO A 20 1.51 -13.47 -2.73
C PRO A 20 1.04 -12.07 -3.10
N PRO A 21 1.27 -11.12 -2.21
CA PRO A 21 0.85 -9.74 -2.44
C PRO A 21 1.78 -9.03 -3.42
N SER A 22 1.27 -7.95 -4.02
CA SER A 22 2.10 -7.12 -4.89
C SER A 22 2.03 -5.65 -4.48
N TYR A 23 3.01 -4.88 -4.92
CA TYR A 23 3.05 -3.45 -4.62
C TYR A 23 3.90 -2.69 -5.63
N GLU A 24 3.74 -1.38 -5.67
CA GLU A 24 4.47 -0.54 -6.62
C GLU A 24 4.71 0.85 -6.06
N THR A 25 5.96 1.29 -6.11
CA THR A 25 6.31 2.65 -5.68
C THR A 25 6.17 3.63 -6.83
N GLU A 26 5.37 4.68 -6.61
CA GLU A 26 5.12 5.67 -7.65
C GLU A 26 6.13 6.81 -7.57
N THR A 27 6.12 7.68 -8.59
CA THR A 27 7.09 8.76 -8.68
C THR A 27 6.90 9.75 -7.53
N GLU A 28 8.01 10.15 -6.92
CA GLU A 28 7.98 11.17 -5.87
C GLU A 28 7.43 12.48 -6.40
N VAL A 29 6.55 13.10 -5.64
CA VAL A 29 5.85 14.31 -6.07
C VAL A 29 5.80 15.34 -4.95
N GLY A 30 6.97 15.76 -4.47
CA GLY A 30 7.04 16.76 -3.41
C GLY A 30 8.29 17.62 -3.56
N LEU A 31 8.59 18.40 -2.52
CA LEU A 31 9.74 19.31 -2.56
C LEU A 31 10.82 18.86 -1.59
N PRO A 32 12.03 19.36 -1.80
CA PRO A 32 13.18 18.99 -0.98
C PRO A 32 12.86 19.18 0.50
N HIS A 33 12.15 20.25 0.82
CA HIS A 33 11.84 20.58 2.21
C HIS A 33 10.50 19.97 2.62
N GLU A 34 9.77 19.44 1.65
CA GLU A 34 8.47 18.83 1.91
C GLU A 34 8.17 17.72 0.92
N ARG A 35 8.89 16.61 1.05
CA ARG A 35 8.80 15.52 0.09
C ARG A 35 7.49 14.75 0.25
N LEU A 36 6.94 14.29 -0.87
CA LEU A 36 5.71 13.51 -0.85
C LEU A 36 5.86 12.24 -1.68
N PHE A 37 5.40 11.12 -1.13
CA PHE A 37 5.55 9.82 -1.78
C PHE A 37 4.21 9.11 -1.91
N THR A 38 4.10 8.27 -2.94
CA THR A 38 2.88 7.51 -3.18
C THR A 38 3.17 6.03 -3.36
N ILE A 39 2.43 5.20 -2.64
CA ILE A 39 2.62 3.76 -2.68
C ILE A 39 1.32 3.04 -3.03
N ALA A 40 1.40 2.12 -3.99
CA ALA A 40 0.25 1.31 -4.37
C ALA A 40 0.43 -0.14 -3.92
N CYS A 41 -0.65 -0.74 -3.44
CA CYS A 41 -0.62 -2.13 -3.01
C CYS A 41 -1.77 -2.92 -3.63
N SER A 42 -1.50 -4.17 -3.99
CA SER A 42 -2.48 -5.00 -4.69
C SER A 42 -2.63 -6.35 -4.02
N ILE A 43 -3.87 -6.71 -3.69
CA ILE A 43 -4.15 -7.95 -2.99
C ILE A 43 -5.25 -8.74 -3.69
N LEU A 44 -4.95 -10.00 -4.00
CA LEU A 44 -5.92 -10.89 -4.64
C LEU A 44 -6.41 -10.31 -5.96
N ASN A 45 -7.58 -9.68 -5.92
CA ASN A 45 -8.18 -9.11 -7.12
C ASN A 45 -8.45 -7.62 -6.96
N TYR A 46 -7.76 -7.01 -6.00
CA TYR A 46 -8.00 -5.61 -5.66
C TYR A 46 -6.70 -4.82 -5.60
N ARG A 47 -6.82 -3.50 -5.62
CA ARG A 47 -5.65 -2.63 -5.55
C ARG A 47 -6.03 -1.25 -5.01
N GLU A 48 -5.28 -0.78 -4.02
CA GLU A 48 -5.45 0.56 -3.49
C GLU A 48 -4.11 1.20 -3.16
N MET A 49 -4.10 2.53 -3.09
CA MET A 49 -2.86 3.28 -2.90
C MET A 49 -3.04 4.39 -1.87
N GLY A 50 -1.93 4.86 -1.30
CA GLY A 50 -1.98 5.91 -0.30
C GLY A 50 -0.82 6.89 -0.49
N LYS A 51 -0.97 8.09 0.05
CA LYS A 51 0.04 9.12 -0.08
C LYS A 51 0.47 9.65 1.30
N GLY A 52 1.74 10.00 1.42
CA GLY A 52 2.28 10.50 2.68
C GLY A 52 3.53 11.32 2.46
N LYS A 53 4.14 11.77 3.55
CA LYS A 53 5.37 12.57 3.48
C LYS A 53 6.60 11.67 3.43
N SER A 54 6.39 10.37 3.58
CA SER A 54 7.46 9.40 3.42
C SER A 54 6.95 8.11 2.79
N LYS A 55 7.86 7.30 2.28
CA LYS A 55 7.52 6.00 1.72
C LYS A 55 6.88 5.09 2.77
N LYS A 56 7.39 5.17 3.99
CA LYS A 56 6.86 4.38 5.09
C LYS A 56 5.40 4.74 5.39
N ILE A 57 5.13 6.04 5.46
CA ILE A 57 3.77 6.53 5.69
C ILE A 57 2.84 6.10 4.57
N ALA A 58 3.29 6.28 3.33
CA ALA A 58 2.49 5.92 2.17
C ALA A 58 2.19 4.42 2.14
N LYS A 59 3.19 3.62 2.50
CA LYS A 59 3.01 2.17 2.59
C LYS A 59 1.94 1.80 3.60
N ARG A 60 2.00 2.42 4.77
CA ARG A 60 1.05 2.15 5.84
C ARG A 60 -0.37 2.52 5.41
N LEU A 61 -0.51 3.70 4.80
CA LEU A 61 -1.81 4.18 4.38
C LEU A 61 -2.34 3.36 3.20
N ALA A 62 -1.43 2.91 2.34
CA ALA A 62 -1.81 2.04 1.23
C ALA A 62 -2.37 0.71 1.73
N ALA A 63 -1.67 0.12 2.71
CA ALA A 63 -2.14 -1.13 3.32
C ALA A 63 -3.47 -0.95 4.02
N HIS A 64 -3.62 0.18 4.71
CA HIS A 64 -4.87 0.53 5.36
C HIS A 64 -6.03 0.55 4.37
N ARG A 65 -5.89 1.38 3.33
CA ARG A 65 -6.92 1.49 2.31
C ARG A 65 -7.15 0.16 1.59
N MET A 66 -6.07 -0.59 1.40
CA MET A 66 -6.16 -1.92 0.82
C MET A 66 -7.07 -2.82 1.64
N TRP A 67 -6.83 -2.85 2.94
CA TRP A 67 -7.66 -3.64 3.84
C TRP A 67 -9.13 -3.24 3.75
N MET A 68 -9.38 -1.94 3.71
CA MET A 68 -10.74 -1.42 3.58
C MET A 68 -11.41 -1.93 2.32
N ARG A 69 -10.71 -1.82 1.19
CA ARG A 69 -11.22 -2.31 -0.08
C ARG A 69 -11.53 -3.80 -0.01
N LEU A 70 -10.65 -4.56 0.62
CA LEU A 70 -10.82 -6.00 0.74
C LEU A 70 -12.07 -6.34 1.54
N GLN A 71 -12.31 -5.57 2.59
CA GLN A 71 -13.51 -5.75 3.41
C GLN A 71 -14.77 -5.37 2.63
N GLU A 72 -14.67 -4.31 1.84
CA GLU A 72 -15.78 -3.86 1.01
C GLU A 72 -16.18 -4.94 -0.01
N ILE A 6 2.80 -2.70 3.81
CA ILE A 6 2.33 -3.92 3.16
C ILE A 6 1.89 -4.95 4.19
N GLY A 7 2.41 -4.82 5.41
CA GLY A 7 2.09 -5.77 6.47
C GLY A 7 0.59 -5.93 6.66
N TRP A 8 -0.12 -4.83 6.54
CA TRP A 8 -1.58 -4.84 6.66
C TRP A 8 -2.20 -5.84 5.69
N LEU A 9 -1.80 -5.76 4.43
CA LEU A 9 -2.33 -6.65 3.40
C LEU A 9 -1.82 -8.08 3.58
N GLN A 10 -0.56 -8.20 3.98
CA GLN A 10 0.05 -9.50 4.19
C GLN A 10 -0.75 -10.33 5.20
N GLU A 11 -1.08 -9.71 6.32
CA GLU A 11 -1.84 -10.39 7.37
C GLU A 11 -3.18 -10.89 6.85
N MET A 12 -3.84 -10.06 6.07
CA MET A 12 -5.11 -10.43 5.44
C MET A 12 -4.94 -11.64 4.53
N CYS A 13 -3.99 -11.54 3.60
CA CYS A 13 -3.82 -12.56 2.58
C CYS A 13 -3.37 -13.88 3.19
N MET A 14 -2.73 -13.81 4.35
CA MET A 14 -2.42 -15.01 5.13
C MET A 14 -3.69 -15.67 5.65
N GLN A 15 -4.58 -14.88 6.25
CA GLN A 15 -5.85 -15.38 6.75
C GLN A 15 -6.73 -15.87 5.61
N ARG A 16 -6.55 -15.28 4.43
CA ARG A 16 -7.37 -15.63 3.27
C ARG A 16 -6.72 -16.72 2.45
N ARG A 17 -5.49 -17.06 2.78
CA ARG A 17 -4.73 -18.05 2.02
C ARG A 17 -4.60 -17.66 0.56
N TRP A 18 -4.32 -16.37 0.32
CA TRP A 18 -4.17 -15.87 -1.04
C TRP A 18 -2.70 -15.75 -1.42
N PRO A 19 -2.43 -15.68 -2.72
CA PRO A 19 -1.07 -15.50 -3.22
C PRO A 19 -0.42 -14.27 -2.58
N PRO A 20 0.90 -14.27 -2.55
CA PRO A 20 1.65 -13.16 -1.99
C PRO A 20 1.23 -11.84 -2.62
N PRO A 21 1.08 -10.81 -1.81
CA PRO A 21 0.67 -9.50 -2.28
C PRO A 21 1.82 -8.76 -2.95
N SER A 22 1.49 -7.73 -3.72
CA SER A 22 2.50 -6.92 -4.39
C SER A 22 2.27 -5.43 -4.14
N TYR A 23 3.29 -4.63 -4.41
CA TYR A 23 3.19 -3.18 -4.26
C TYR A 23 4.20 -2.46 -5.13
N GLU A 24 3.96 -1.17 -5.37
CA GLU A 24 4.82 -0.38 -6.24
C GLU A 24 4.94 1.05 -5.74
N THR A 25 6.08 1.68 -6.02
CA THR A 25 6.32 3.05 -5.58
C THR A 25 6.34 4.00 -6.77
N GLU A 26 5.58 5.08 -6.67
CA GLU A 26 5.49 6.06 -7.75
C GLU A 26 6.57 7.13 -7.61
N THR A 27 6.72 7.96 -8.64
CA THR A 27 7.74 8.99 -8.66
C THR A 27 7.53 10.00 -7.54
N GLU A 28 8.60 10.37 -6.86
CA GLU A 28 8.55 11.39 -5.83
C GLU A 28 8.01 12.70 -6.38
N VAL A 29 7.09 13.32 -5.65
CA VAL A 29 6.44 14.54 -6.10
C VAL A 29 6.29 15.54 -4.97
N GLY A 30 7.42 15.95 -4.40
CA GLY A 30 7.42 16.90 -3.29
C GLY A 30 8.61 17.84 -3.38
N LEU A 31 8.91 18.52 -2.28
CA LEU A 31 9.99 19.50 -2.25
C LEU A 31 11.15 19.02 -1.37
N PRO A 32 12.32 19.61 -1.57
CA PRO A 32 13.50 19.22 -0.82
C PRO A 32 13.25 19.29 0.67
N HIS A 33 12.50 20.30 1.10
CA HIS A 33 12.23 20.51 2.52
C HIS A 33 10.94 19.82 2.94
N GLU A 34 10.18 19.34 1.95
CA GLU A 34 8.91 18.70 2.21
C GLU A 34 8.60 17.63 1.16
N ARG A 35 9.33 16.53 1.22
CA ARG A 35 9.21 15.48 0.21
C ARG A 35 7.87 14.77 0.30
N LEU A 36 7.33 14.38 -0.84
CA LEU A 36 6.06 13.66 -0.89
C LEU A 36 6.16 12.40 -1.73
N PHE A 37 5.60 11.31 -1.22
CA PHE A 37 5.71 10.01 -1.88
C PHE A 37 4.35 9.35 -2.03
N THR A 38 4.19 8.56 -3.09
CA THR A 38 2.96 7.81 -3.31
C THR A 38 3.25 6.34 -3.59
N ILE A 39 2.55 5.47 -2.88
CA ILE A 39 2.77 4.02 -3.02
C ILE A 39 1.44 3.28 -3.09
N ALA A 40 1.41 2.25 -3.95
CA ALA A 40 0.20 1.47 -4.15
C ALA A 40 0.42 0.00 -3.84
N CYS A 41 -0.63 -0.68 -3.39
CA CYS A 41 -0.57 -2.11 -3.14
C CYS A 41 -1.73 -2.84 -3.81
N SER A 42 -1.49 -4.10 -4.18
CA SER A 42 -2.45 -4.86 -4.96
C SER A 42 -2.41 -6.34 -4.61
N ILE A 43 -3.52 -7.04 -4.86
CA ILE A 43 -3.54 -8.49 -4.76
C ILE A 43 -4.72 -9.07 -5.54
N LEU A 44 -4.42 -10.03 -6.41
CA LEU A 44 -5.44 -10.63 -7.26
C LEU A 44 -6.22 -9.57 -8.03
N ASN A 45 -7.48 -9.37 -7.65
CA ASN A 45 -8.36 -8.44 -8.33
C ASN A 45 -8.62 -7.20 -7.48
N TYR A 46 -7.66 -6.87 -6.62
CA TYR A 46 -7.79 -5.72 -5.74
C TYR A 46 -6.57 -4.80 -5.85
N ARG A 47 -6.78 -3.51 -5.63
CA ARG A 47 -5.71 -2.53 -5.69
C ARG A 47 -6.10 -1.24 -5.00
N GLU A 48 -5.24 -0.77 -4.10
CA GLU A 48 -5.42 0.53 -3.47
C GLU A 48 -4.11 1.31 -3.43
N MET A 49 -4.21 2.59 -3.10
CA MET A 49 -3.04 3.48 -3.12
C MET A 49 -3.14 4.54 -2.03
N GLY A 50 -1.99 5.05 -1.61
CA GLY A 50 -1.95 6.13 -0.63
C GLY A 50 -0.69 6.97 -0.79
N LYS A 51 -0.62 8.08 -0.07
CA LYS A 51 0.50 9.01 -0.19
C LYS A 51 0.74 9.75 1.13
N GLY A 52 1.95 10.28 1.27
CA GLY A 52 2.31 11.00 2.49
C GLY A 52 3.66 11.69 2.33
N LYS A 53 4.23 12.13 3.44
CA LYS A 53 5.52 12.82 3.44
C LYS A 53 6.67 11.81 3.50
N SER A 54 6.34 10.55 3.76
CA SER A 54 7.34 9.49 3.77
C SER A 54 6.85 8.27 2.99
N LYS A 55 7.79 7.47 2.49
CA LYS A 55 7.46 6.23 1.81
C LYS A 55 6.78 5.25 2.75
N LYS A 56 7.25 5.21 4.00
CA LYS A 56 6.61 4.41 5.02
C LYS A 56 5.14 4.74 5.16
N ILE A 57 4.84 6.04 5.24
CA ILE A 57 3.46 6.50 5.38
C ILE A 57 2.61 6.08 4.18
N ALA A 58 3.10 6.38 2.99
CA ALA A 58 2.37 6.06 1.76
C ALA A 58 2.08 4.57 1.67
N LYS A 59 3.09 3.76 1.94
CA LYS A 59 2.95 2.30 1.86
C LYS A 59 1.94 1.78 2.86
N ARG A 60 2.05 2.24 4.11
CA ARG A 60 1.17 1.81 5.17
C ARG A 60 -0.29 2.17 4.86
N LEU A 61 -0.48 3.36 4.33
CA LEU A 61 -1.82 3.83 3.98
C LEU A 61 -2.45 2.94 2.91
N ALA A 62 -1.70 2.67 1.85
CA ALA A 62 -2.17 1.80 0.78
C ALA A 62 -2.48 0.40 1.30
N ALA A 63 -1.57 -0.14 2.10
CA ALA A 63 -1.73 -1.49 2.64
C ALA A 63 -2.95 -1.58 3.54
N HIS A 64 -3.16 -0.55 4.35
CA HIS A 64 -4.31 -0.50 5.25
C HIS A 64 -5.61 -0.39 4.48
N ARG A 65 -5.60 0.39 3.41
CA ARG A 65 -6.74 0.48 2.49
C ARG A 65 -7.05 -0.88 1.89
N MET A 66 -6.01 -1.62 1.53
CA MET A 66 -6.18 -2.97 1.01
C MET A 66 -6.79 -3.89 2.07
N TRP A 67 -6.29 -3.81 3.28
CA TRP A 67 -6.84 -4.57 4.40
C TRP A 67 -8.33 -4.30 4.57
N MET A 68 -8.69 -3.03 4.63
CA MET A 68 -10.09 -2.64 4.78
C MET A 68 -10.91 -3.08 3.57
N ARG A 69 -10.33 -2.93 2.38
CA ARG A 69 -11.01 -3.32 1.15
C ARG A 69 -11.43 -4.78 1.18
N LEU A 70 -10.51 -5.64 1.62
CA LEU A 70 -10.77 -7.07 1.68
C LEU A 70 -11.63 -7.43 2.88
N GLN A 71 -11.46 -6.69 3.98
CA GLN A 71 -12.25 -6.89 5.17
C GLN A 71 -13.74 -6.69 4.88
N GLU A 72 -14.05 -5.61 4.16
CA GLU A 72 -15.44 -5.29 3.83
C GLU A 72 -15.87 -5.98 2.56
N ILE A 6 1.97 -3.02 5.60
CA ILE A 6 1.66 -3.94 4.51
C ILE A 6 1.97 -5.38 4.90
N GLY A 7 2.99 -5.55 5.73
CA GLY A 7 3.38 -6.89 6.19
C GLY A 7 2.20 -7.62 6.81
N TRP A 8 1.38 -6.89 7.55
CA TRP A 8 0.16 -7.45 8.13
C TRP A 8 -0.71 -8.09 7.05
N LEU A 9 -0.96 -7.35 5.98
CA LEU A 9 -1.80 -7.83 4.89
C LEU A 9 -1.15 -9.00 4.16
N GLN A 10 0.18 -8.97 4.08
CA GLN A 10 0.92 -10.08 3.49
C GLN A 10 0.70 -11.37 4.27
N GLU A 11 0.75 -11.28 5.59
CA GLU A 11 0.47 -12.42 6.45
C GLU A 11 -0.96 -12.91 6.26
N MET A 12 -1.90 -11.98 6.27
CA MET A 12 -3.31 -12.31 6.06
C MET A 12 -3.51 -13.02 4.72
N CYS A 13 -2.86 -12.51 3.68
CA CYS A 13 -2.95 -13.11 2.36
C CYS A 13 -2.50 -14.56 2.38
N MET A 14 -1.32 -14.81 2.93
CA MET A 14 -0.78 -16.16 3.03
C MET A 14 -1.70 -17.07 3.83
N GLN A 15 -2.24 -16.54 4.91
CA GLN A 15 -3.13 -17.32 5.78
C GLN A 15 -4.46 -17.60 5.10
N ARG A 16 -4.73 -16.88 4.02
CA ARG A 16 -5.96 -17.07 3.26
C ARG A 16 -5.70 -17.84 1.97
N ARG A 17 -4.45 -18.26 1.79
CA ARG A 17 -4.07 -19.01 0.60
C ARG A 17 -4.35 -18.22 -0.67
N TRP A 18 -4.16 -16.90 -0.59
CA TRP A 18 -4.37 -16.03 -1.74
C TRP A 18 -3.07 -15.82 -2.51
N PRO A 19 -3.20 -15.40 -3.76
CA PRO A 19 -2.03 -15.11 -4.60
C PRO A 19 -1.11 -14.12 -3.91
N PRO A 20 0.19 -14.30 -4.10
CA PRO A 20 1.19 -13.42 -3.50
C PRO A 20 0.87 -11.95 -3.79
N PRO A 21 0.87 -11.14 -2.75
CA PRO A 21 0.59 -9.71 -2.89
C PRO A 21 1.80 -8.96 -3.43
N SER A 22 1.57 -7.76 -3.95
CA SER A 22 2.64 -6.95 -4.52
C SER A 22 2.30 -5.47 -4.45
N TYR A 23 3.31 -4.66 -4.17
CA TYR A 23 3.13 -3.21 -4.12
C TYR A 23 4.27 -2.48 -4.82
N GLU A 24 4.00 -1.27 -5.29
CA GLU A 24 4.96 -0.53 -6.08
C GLU A 24 5.11 0.91 -5.56
N THR A 25 6.33 1.44 -5.64
CA THR A 25 6.60 2.79 -5.18
C THR A 25 6.88 3.73 -6.34
N GLU A 26 6.19 4.88 -6.33
CA GLU A 26 6.35 5.86 -7.39
C GLU A 26 7.46 6.86 -7.06
N THR A 27 8.01 7.50 -8.09
CA THR A 27 9.05 8.50 -7.89
C THR A 27 8.54 9.69 -7.10
N GLU A 28 9.37 10.18 -6.18
CA GLU A 28 9.00 11.32 -5.35
C GLU A 28 8.60 12.52 -6.20
N VAL A 29 7.55 13.22 -5.78
CA VAL A 29 7.06 14.38 -6.50
C VAL A 29 6.85 15.57 -5.58
N GLY A 30 7.78 15.74 -4.63
CA GLY A 30 7.70 16.83 -3.67
C GLY A 30 8.90 17.76 -3.79
N LEU A 31 9.30 18.34 -2.67
CA LEU A 31 10.40 19.30 -2.66
C LEU A 31 11.69 18.66 -2.20
N PRO A 32 12.82 19.29 -2.53
CA PRO A 32 14.12 18.80 -2.10
C PRO A 32 14.18 18.62 -0.60
N HIS A 33 13.46 19.47 0.12
CA HIS A 33 13.46 19.42 1.58
C HIS A 33 12.11 18.95 2.11
N GLU A 34 11.32 18.35 1.24
CA GLU A 34 10.00 17.84 1.61
C GLU A 34 9.42 16.98 0.51
N ARG A 35 10.04 15.83 0.26
CA ARG A 35 9.63 14.95 -0.83
C ARG A 35 8.28 14.29 -0.53
N LEU A 36 7.48 14.11 -1.57
CA LEU A 36 6.19 13.43 -1.43
C LEU A 36 6.19 12.09 -2.16
N PHE A 37 5.71 11.06 -1.48
CA PHE A 37 5.81 9.70 -1.99
C PHE A 37 4.44 9.07 -2.17
N THR A 38 4.29 8.27 -3.22
CA THR A 38 3.04 7.58 -3.48
C THR A 38 3.27 6.09 -3.73
N ILE A 39 2.57 5.26 -2.98
CA ILE A 39 2.77 3.81 -3.03
C ILE A 39 1.44 3.07 -3.12
N ALA A 40 1.36 2.15 -4.08
CA ALA A 40 0.13 1.40 -4.31
C ALA A 40 0.32 -0.08 -4.01
N CYS A 41 -0.71 -0.71 -3.45
CA CYS A 41 -0.63 -2.10 -3.05
C CYS A 41 -1.78 -2.91 -3.65
N SER A 42 -1.44 -4.07 -4.22
CA SER A 42 -2.44 -4.92 -4.86
C SER A 42 -2.49 -6.30 -4.21
N ILE A 43 -3.69 -6.73 -3.85
CA ILE A 43 -3.88 -8.02 -3.21
C ILE A 43 -5.05 -8.78 -3.84
N LEU A 44 -4.82 -10.03 -4.20
CA LEU A 44 -5.86 -10.87 -4.79
C LEU A 44 -6.41 -10.25 -6.05
N ASN A 45 -7.58 -9.60 -5.93
CA ASN A 45 -8.23 -8.98 -7.07
C ASN A 45 -8.51 -7.50 -6.80
N TYR A 46 -7.74 -6.92 -5.90
CA TYR A 46 -7.97 -5.54 -5.47
C TYR A 46 -6.68 -4.73 -5.49
N ARG A 47 -6.81 -3.42 -5.50
CA ARG A 47 -5.66 -2.53 -5.52
C ARG A 47 -6.02 -1.14 -5.02
N GLU A 48 -5.23 -0.63 -4.09
CA GLU A 48 -5.42 0.73 -3.57
C GLU A 48 -4.10 1.49 -3.52
N MET A 49 -4.19 2.80 -3.30
CA MET A 49 -3.02 3.66 -3.37
C MET A 49 -3.03 4.69 -2.24
N GLY A 50 -1.90 4.80 -1.55
CA GLY A 50 -1.74 5.84 -0.52
C GLY A 50 -0.55 6.74 -0.84
N LYS A 51 -0.48 7.87 -0.16
CA LYS A 51 0.58 8.85 -0.38
C LYS A 51 0.74 9.78 0.81
N GLY A 52 1.94 10.34 0.96
CA GLY A 52 2.24 11.22 2.07
C GLY A 52 3.64 11.82 1.95
N LYS A 53 4.20 12.27 3.07
CA LYS A 53 5.49 12.94 3.07
C LYS A 53 6.62 11.94 3.25
N SER A 54 6.26 10.66 3.34
CA SER A 54 7.25 9.59 3.44
C SER A 54 6.72 8.30 2.82
N LYS A 55 7.63 7.41 2.47
CA LYS A 55 7.26 6.08 1.97
C LYS A 55 6.51 5.29 3.04
N LYS A 56 6.90 5.51 4.30
CA LYS A 56 6.23 4.85 5.42
C LYS A 56 4.76 5.23 5.50
N ILE A 57 4.48 6.53 5.38
CA ILE A 57 3.11 7.03 5.39
C ILE A 57 2.32 6.47 4.23
N ALA A 58 2.91 6.49 3.04
CA ALA A 58 2.26 5.97 1.84
C ALA A 58 1.90 4.51 2.00
N LYS A 59 2.84 3.72 2.52
CA LYS A 59 2.61 2.30 2.76
C LYS A 59 1.49 2.08 3.77
N ARG A 60 1.51 2.85 4.85
CA ARG A 60 0.51 2.73 5.90
C ARG A 60 -0.89 3.00 5.36
N LEU A 61 -1.02 4.08 4.60
CA LEU A 61 -2.31 4.48 4.05
C LEU A 61 -2.80 3.48 3.02
N ALA A 62 -1.89 3.01 2.18
CA ALA A 62 -2.21 1.96 1.21
C ALA A 62 -2.71 0.70 1.90
N ALA A 63 -2.02 0.30 2.96
CA ALA A 63 -2.40 -0.87 3.74
C ALA A 63 -3.77 -0.68 4.38
N HIS A 64 -4.01 0.52 4.93
CA HIS A 64 -5.30 0.85 5.51
C HIS A 64 -6.42 0.66 4.50
N ARG A 65 -6.24 1.22 3.31
CA ARG A 65 -7.26 1.14 2.26
C ARG A 65 -7.49 -0.29 1.82
N MET A 66 -6.39 -1.03 1.63
CA MET A 66 -6.46 -2.41 1.18
C MET A 66 -7.15 -3.30 2.22
N TRP A 67 -6.84 -3.07 3.49
CA TRP A 67 -7.46 -3.82 4.57
C TRP A 67 -8.97 -3.63 4.59
N MET A 68 -9.40 -2.37 4.53
CA MET A 68 -10.82 -2.05 4.48
C MET A 68 -11.47 -2.65 3.24
N ARG A 69 -10.81 -2.52 2.10
CA ARG A 69 -11.31 -3.07 0.85
C ARG A 69 -11.56 -4.56 0.97
N LEU A 70 -10.59 -5.29 1.52
CA LEU A 70 -10.69 -6.74 1.65
C LEU A 70 -11.69 -7.12 2.75
N GLN A 71 -11.75 -6.29 3.79
CA GLN A 71 -12.68 -6.53 4.89
C GLN A 71 -14.13 -6.42 4.44
N GLU A 72 -14.40 -5.45 3.59
CA GLU A 72 -15.75 -5.24 3.08
C GLU A 72 -16.03 -6.12 1.86
N ILE A 6 4.82 -4.02 3.62
CA ILE A 6 4.43 -5.09 2.70
C ILE A 6 4.42 -6.44 3.41
N GLY A 7 5.29 -6.58 4.41
CA GLY A 7 5.37 -7.82 5.18
C GLY A 7 4.01 -8.20 5.77
N TRP A 8 3.28 -7.19 6.24
CA TRP A 8 1.94 -7.40 6.79
C TRP A 8 1.00 -7.98 5.73
N LEU A 9 1.09 -7.45 4.51
CA LEU A 9 0.28 -7.93 3.41
C LEU A 9 0.60 -9.38 3.07
N GLN A 10 1.89 -9.70 3.07
CA GLN A 10 2.34 -11.07 2.77
C GLN A 10 1.82 -12.05 3.81
N GLU A 11 1.95 -11.68 5.09
CA GLU A 11 1.45 -12.52 6.17
C GLU A 11 -0.05 -12.71 6.09
N MET A 12 -0.77 -11.61 5.86
CA MET A 12 -2.21 -11.67 5.65
C MET A 12 -2.58 -12.64 4.54
N CYS A 13 -1.88 -12.54 3.41
CA CYS A 13 -2.15 -13.41 2.28
C CYS A 13 -1.94 -14.88 2.64
N MET A 14 -0.82 -15.17 3.29
CA MET A 14 -0.49 -16.53 3.69
C MET A 14 -1.56 -17.10 4.62
N GLN A 15 -2.02 -16.27 5.55
CA GLN A 15 -3.03 -16.70 6.51
C GLN A 15 -4.38 -16.93 5.84
N ARG A 16 -4.70 -16.10 4.85
CA ARG A 16 -5.98 -16.17 4.17
C ARG A 16 -5.91 -17.07 2.95
N ARG A 17 -4.72 -17.63 2.70
CA ARG A 17 -4.52 -18.52 1.57
C ARG A 17 -4.79 -17.80 0.25
N TRP A 18 -4.40 -16.53 0.19
CA TRP A 18 -4.60 -15.74 -1.01
C TRP A 18 -3.32 -15.66 -1.84
N PRO A 19 -3.45 -15.30 -3.11
CA PRO A 19 -2.30 -15.14 -3.98
C PRO A 19 -1.28 -14.19 -3.38
N PRO A 20 -0.02 -14.34 -3.79
CA PRO A 20 1.04 -13.47 -3.33
C PRO A 20 0.68 -12.00 -3.53
N PRO A 21 1.12 -11.15 -2.61
CA PRO A 21 0.81 -9.72 -2.67
C PRO A 21 1.64 -9.02 -3.74
N SER A 22 1.07 -7.96 -4.30
CA SER A 22 1.81 -7.10 -5.21
C SER A 22 1.77 -5.65 -4.75
N TYR A 23 2.77 -4.87 -5.17
CA TYR A 23 2.87 -3.47 -4.77
C TYR A 23 3.73 -2.68 -5.74
N GLU A 24 3.72 -1.36 -5.59
CA GLU A 24 4.54 -0.48 -6.42
C GLU A 24 4.90 0.80 -5.69
N THR A 25 6.15 1.23 -5.83
CA THR A 25 6.64 2.41 -5.15
C THR A 25 6.86 3.56 -6.12
N GLU A 26 6.17 4.67 -5.89
CA GLU A 26 6.34 5.87 -6.70
C GLU A 26 6.83 7.05 -5.85
N THR A 27 8.08 7.44 -6.07
CA THR A 27 8.73 8.43 -5.21
C THR A 27 8.75 9.80 -5.89
N GLU A 28 9.09 10.82 -5.11
CA GLU A 28 9.28 12.16 -5.66
C GLU A 28 8.02 12.66 -6.34
N VAL A 29 6.91 12.63 -5.62
CA VAL A 29 5.65 13.17 -6.12
C VAL A 29 5.13 14.28 -5.23
N GLY A 30 3.93 14.77 -5.52
CA GLY A 30 3.33 15.86 -4.75
C GLY A 30 3.70 17.22 -5.32
N LEU A 31 4.39 18.02 -4.52
CA LEU A 31 4.76 19.36 -4.91
C LEU A 31 6.27 19.49 -5.09
N PRO A 32 6.69 20.50 -5.85
CA PRO A 32 8.12 20.74 -6.07
C PRO A 32 8.86 20.89 -4.75
N HIS A 33 8.18 21.46 -3.75
CA HIS A 33 8.79 21.72 -2.47
C HIS A 33 8.40 20.68 -1.43
N GLU A 34 7.20 20.13 -1.58
CA GLU A 34 6.70 19.11 -0.68
C GLU A 34 6.87 17.72 -1.28
N ARG A 35 8.00 17.09 -1.02
CA ARG A 35 8.30 15.77 -1.56
C ARG A 35 7.46 14.70 -0.88
N LEU A 36 6.42 14.25 -1.58
CA LEU A 36 5.56 13.19 -1.06
C LEU A 36 5.90 11.84 -1.70
N PHE A 37 5.37 10.77 -1.13
CA PHE A 37 5.58 9.43 -1.66
C PHE A 37 4.26 8.69 -1.81
N THR A 38 4.12 7.94 -2.91
CA THR A 38 2.90 7.21 -3.19
C THR A 38 3.17 5.72 -3.28
N ILE A 39 2.48 4.94 -2.45
CA ILE A 39 2.62 3.49 -2.46
C ILE A 39 1.33 2.82 -2.92
N ALA A 40 1.43 1.97 -3.93
CA ALA A 40 0.29 1.21 -4.43
C ALA A 40 0.37 -0.24 -4.01
N CYS A 41 -0.77 -0.83 -3.67
CA CYS A 41 -0.83 -2.24 -3.28
C CYS A 41 -1.95 -2.96 -4.03
N SER A 42 -1.77 -4.26 -4.23
CA SER A 42 -2.78 -5.08 -4.90
C SER A 42 -2.89 -6.45 -4.25
N ILE A 43 -4.09 -6.77 -3.77
CA ILE A 43 -4.31 -8.02 -3.03
C ILE A 43 -5.51 -8.77 -3.57
N LEU A 44 -5.33 -10.06 -3.85
CA LEU A 44 -6.41 -10.90 -4.34
C LEU A 44 -7.00 -10.34 -5.62
N ASN A 45 -8.15 -9.68 -5.49
CA ASN A 45 -8.85 -9.11 -6.64
C ASN A 45 -9.08 -7.62 -6.45
N TYR A 46 -8.24 -6.99 -5.62
CA TYR A 46 -8.40 -5.58 -5.30
C TYR A 46 -7.11 -4.81 -5.48
N ARG A 47 -7.21 -3.50 -5.62
CA ARG A 47 -6.05 -2.65 -5.79
C ARG A 47 -6.32 -1.24 -5.30
N GLU A 48 -5.38 -0.69 -4.53
CA GLU A 48 -5.53 0.64 -3.96
C GLU A 48 -4.19 1.21 -3.52
N MET A 49 -4.10 2.54 -3.46
CA MET A 49 -2.85 3.22 -3.15
C MET A 49 -3.06 4.33 -2.13
N GLY A 50 -1.97 4.72 -1.47
CA GLY A 50 -2.02 5.81 -0.50
C GLY A 50 -0.76 6.67 -0.58
N LYS A 51 -0.92 7.97 -0.32
CA LYS A 51 0.20 8.90 -0.41
C LYS A 51 0.46 9.57 0.94
N GLY A 52 1.73 9.71 1.28
CA GLY A 52 2.13 10.27 2.57
C GLY A 52 3.35 11.16 2.44
N LYS A 53 3.80 11.72 3.55
CA LYS A 53 4.95 12.61 3.56
C LYS A 53 6.26 11.83 3.51
N SER A 54 6.19 10.56 3.90
CA SER A 54 7.35 9.67 3.84
C SER A 54 6.98 8.32 3.23
N LYS A 55 7.99 7.53 2.89
CA LYS A 55 7.78 6.18 2.39
C LYS A 55 7.04 5.33 3.40
N LYS A 56 7.44 5.43 4.66
CA LYS A 56 6.80 4.69 5.74
C LYS A 56 5.32 5.06 5.86
N ILE A 57 5.04 6.35 5.91
CA ILE A 57 3.67 6.83 6.02
C ILE A 57 2.82 6.36 4.85
N ALA A 58 3.36 6.49 3.64
CA ALA A 58 2.65 6.10 2.44
C ALA A 58 2.35 4.60 2.43
N LYS A 59 3.33 3.81 2.85
CA LYS A 59 3.15 2.36 2.93
C LYS A 59 2.05 2.00 3.92
N ARG A 60 2.04 2.67 5.06
CA ARG A 60 1.02 2.43 6.08
C ARG A 60 -0.36 2.79 5.56
N LEU A 61 -0.47 3.92 4.90
CA LEU A 61 -1.74 4.37 4.33
C LEU A 61 -2.20 3.44 3.22
N ALA A 62 -1.26 2.97 2.42
CA ALA A 62 -1.57 2.04 1.34
C ALA A 62 -2.13 0.74 1.88
N ALA A 63 -1.48 0.18 2.90
CA ALA A 63 -1.93 -1.06 3.52
C ALA A 63 -3.29 -0.88 4.17
N HIS A 64 -3.49 0.26 4.83
CA HIS A 64 -4.78 0.56 5.45
C HIS A 64 -5.89 0.59 4.42
N ARG A 65 -5.70 1.38 3.37
CA ARG A 65 -6.70 1.50 2.31
C ARG A 65 -6.92 0.16 1.61
N MET A 66 -5.84 -0.59 1.44
CA MET A 66 -5.92 -1.93 0.87
C MET A 66 -6.86 -2.82 1.68
N TRP A 67 -6.67 -2.83 2.99
CA TRP A 67 -7.54 -3.59 3.88
C TRP A 67 -8.99 -3.17 3.74
N MET A 68 -9.21 -1.86 3.65
CA MET A 68 -10.56 -1.32 3.49
C MET A 68 -11.23 -1.87 2.24
N ARG A 69 -10.52 -1.81 1.12
CA ARG A 69 -11.04 -2.31 -0.15
C ARG A 69 -11.32 -3.80 -0.07
N LEU A 70 -10.44 -4.54 0.61
CA LEU A 70 -10.59 -5.97 0.76
C LEU A 70 -11.87 -6.31 1.53
N GLN A 71 -12.16 -5.51 2.56
CA GLN A 71 -13.39 -5.67 3.32
C GLN A 71 -14.60 -5.21 2.52
N GLU A 72 -14.41 -4.19 1.70
CA GLU A 72 -15.49 -3.66 0.86
C GLU A 72 -15.98 -4.72 -0.12
N ILE A 6 3.13 -4.48 4.26
CA ILE A 6 2.99 -5.63 3.36
C ILE A 6 2.92 -6.93 4.14
N GLY A 7 3.86 -7.11 5.06
CA GLY A 7 3.89 -8.31 5.89
C GLY A 7 2.58 -8.48 6.66
N TRP A 8 1.97 -7.36 7.01
CA TRP A 8 0.69 -7.38 7.72
C TRP A 8 -0.35 -8.20 6.96
N LEU A 9 -0.62 -7.79 5.73
CA LEU A 9 -1.65 -8.44 4.92
C LEU A 9 -1.13 -9.72 4.30
N GLN A 10 0.19 -9.84 4.20
CA GLN A 10 0.82 -11.05 3.69
C GLN A 10 0.51 -12.25 4.58
N GLU A 11 0.58 -12.04 5.89
CA GLU A 11 0.19 -13.05 6.86
C GLU A 11 -1.29 -13.41 6.70
N MET A 12 -2.14 -12.40 6.55
CA MET A 12 -3.56 -12.62 6.33
C MET A 12 -3.81 -13.40 5.06
N CYS A 13 -2.98 -13.16 4.05
CA CYS A 13 -3.08 -13.89 2.79
C CYS A 13 -2.70 -15.35 2.96
N MET A 14 -1.55 -15.59 3.59
CA MET A 14 -1.05 -16.95 3.77
C MET A 14 -2.04 -17.81 4.54
N GLN A 15 -2.72 -17.20 5.50
CA GLN A 15 -3.70 -17.90 6.31
C GLN A 15 -4.97 -18.21 5.51
N ARG A 16 -5.10 -17.55 4.37
CA ARG A 16 -6.30 -17.70 3.54
C ARG A 16 -5.95 -18.29 2.18
N ARG A 17 -4.73 -18.80 2.05
CA ARG A 17 -4.28 -19.38 0.80
C ARG A 17 -4.34 -18.39 -0.34
N TRP A 18 -4.14 -17.11 -0.02
CA TRP A 18 -4.11 -16.06 -1.03
C TRP A 18 -2.68 -15.71 -1.41
N PRO A 19 -2.52 -15.12 -2.59
CA PRO A 19 -1.21 -14.67 -3.05
C PRO A 19 -0.73 -13.47 -2.24
N PRO A 20 0.56 -13.45 -1.92
CA PRO A 20 1.15 -12.34 -1.19
C PRO A 20 0.89 -11.01 -1.90
N PRO A 21 0.65 -9.97 -1.12
CA PRO A 21 0.42 -8.64 -1.67
C PRO A 21 1.72 -8.02 -2.17
N SER A 22 1.60 -7.01 -3.02
CA SER A 22 2.75 -6.30 -3.55
C SER A 22 2.48 -4.80 -3.67
N TYR A 23 3.50 -4.04 -4.02
CA TYR A 23 3.40 -2.59 -4.11
C TYR A 23 4.35 -2.03 -5.16
N GLU A 24 4.05 -0.82 -5.64
CA GLU A 24 4.96 -0.12 -6.53
C GLU A 24 5.10 1.34 -6.11
N THR A 25 6.34 1.79 -5.93
CA THR A 25 6.61 3.14 -5.47
C THR A 25 6.80 4.09 -6.64
N GLU A 26 6.12 5.23 -6.59
CA GLU A 26 6.24 6.25 -7.64
C GLU A 26 7.22 7.35 -7.24
N THR A 27 7.71 8.06 -8.24
CA THR A 27 8.65 9.16 -8.00
C THR A 27 8.02 10.25 -7.14
N GLU A 28 8.77 10.73 -6.16
CA GLU A 28 8.27 11.75 -5.24
C GLU A 28 7.91 13.03 -5.97
N VAL A 29 6.97 13.78 -5.43
CA VAL A 29 6.49 15.00 -6.06
C VAL A 29 6.53 16.18 -5.09
N GLY A 30 7.30 16.03 -4.02
CA GLY A 30 7.39 17.06 -2.99
C GLY A 30 8.64 17.91 -3.16
N LEU A 31 9.15 18.45 -2.06
CA LEU A 31 10.30 19.33 -2.10
C LEU A 31 11.58 18.59 -1.71
N PRO A 32 12.72 19.14 -2.10
CA PRO A 32 14.01 18.56 -1.75
C PRO A 32 14.14 18.36 -0.24
N HIS A 33 13.56 19.28 0.52
CA HIS A 33 13.64 19.23 1.97
C HIS A 33 12.43 18.52 2.57
N GLU A 34 11.35 18.45 1.80
CA GLU A 34 10.13 17.77 2.25
C GLU A 34 9.50 16.98 1.10
N ARG A 35 10.10 15.84 0.77
CA ARG A 35 9.64 15.02 -0.35
C ARG A 35 8.30 14.36 -0.03
N LEU A 36 7.45 14.26 -1.04
CA LEU A 36 6.15 13.60 -0.88
C LEU A 36 6.06 12.36 -1.76
N PHE A 37 5.73 11.23 -1.15
CA PHE A 37 5.82 9.95 -1.83
C PHE A 37 4.44 9.35 -2.06
N THR A 38 4.29 8.65 -3.18
CA THR A 38 3.03 7.96 -3.49
C THR A 38 3.29 6.51 -3.87
N ILE A 39 2.57 5.59 -3.22
CA ILE A 39 2.76 4.17 -3.44
C ILE A 39 1.44 3.46 -3.66
N ALA A 40 1.38 2.65 -4.71
CA ALA A 40 0.18 1.87 -5.02
C ALA A 40 0.39 0.40 -4.71
N CYS A 41 -0.53 -0.18 -3.94
CA CYS A 41 -0.42 -1.57 -3.52
C CYS A 41 -1.56 -2.41 -4.05
N SER A 42 -1.33 -3.71 -4.21
CA SER A 42 -2.33 -4.61 -4.76
C SER A 42 -2.35 -5.93 -3.99
N ILE A 43 -3.55 -6.47 -3.82
CA ILE A 43 -3.74 -7.70 -3.04
C ILE A 43 -4.90 -8.52 -3.57
N LEU A 44 -4.64 -9.79 -3.88
CA LEU A 44 -5.67 -10.69 -4.38
C LEU A 44 -6.36 -10.11 -5.61
N ASN A 45 -7.53 -9.52 -5.40
CA ASN A 45 -8.30 -8.93 -6.49
C ASN A 45 -8.57 -7.45 -6.23
N TYR A 46 -7.69 -6.82 -5.45
CA TYR A 46 -7.90 -5.43 -5.04
C TYR A 46 -6.65 -4.60 -5.31
N ARG A 47 -6.83 -3.28 -5.34
CA ARG A 47 -5.71 -2.36 -5.53
C ARG A 47 -6.05 -0.97 -5.02
N GLU A 48 -5.17 -0.40 -4.22
CA GLU A 48 -5.37 0.93 -3.66
C GLU A 48 -4.06 1.71 -3.59
N MET A 49 -4.16 3.03 -3.57
CA MET A 49 -2.98 3.88 -3.61
C MET A 49 -3.01 4.93 -2.50
N GLY A 50 -1.89 5.08 -1.81
CA GLY A 50 -1.78 6.07 -0.74
C GLY A 50 -0.57 6.96 -0.93
N LYS A 51 -0.50 8.04 -0.16
CA LYS A 51 0.60 8.99 -0.27
C LYS A 51 0.83 9.72 1.06
N GLY A 52 2.03 10.26 1.23
CA GLY A 52 2.38 10.95 2.46
C GLY A 52 3.79 11.54 2.38
N LYS A 53 4.37 11.84 3.53
CA LYS A 53 5.67 12.51 3.59
C LYS A 53 6.81 11.49 3.57
N SER A 54 6.45 10.22 3.54
CA SER A 54 7.44 9.14 3.47
C SER A 54 6.89 7.94 2.71
N LYS A 55 7.79 7.07 2.25
CA LYS A 55 7.40 5.83 1.60
C LYS A 55 6.65 4.93 2.57
N LYS A 56 7.04 4.97 3.84
CA LYS A 56 6.37 4.20 4.88
C LYS A 56 4.91 4.59 5.00
N ILE A 57 4.66 5.90 5.09
CA ILE A 57 3.30 6.41 5.20
C ILE A 57 2.46 6.02 3.99
N ALA A 58 3.00 6.28 2.80
CA ALA A 58 2.28 6.00 1.56
C ALA A 58 1.89 4.53 1.47
N LYS A 59 2.85 3.65 1.73
CA LYS A 59 2.63 2.22 1.59
C LYS A 59 1.66 1.70 2.64
N ARG A 60 1.81 2.19 3.87
CA ARG A 60 0.94 1.78 4.97
C ARG A 60 -0.50 2.19 4.73
N LEU A 61 -0.69 3.40 4.19
CA LEU A 61 -2.02 3.89 3.85
C LEU A 61 -2.67 3.03 2.78
N ALA A 62 -1.93 2.74 1.73
CA ALA A 62 -2.41 1.88 0.65
C ALA A 62 -2.81 0.51 1.18
N ALA A 63 -1.98 -0.05 2.06
CA ALA A 63 -2.27 -1.34 2.68
C ALA A 63 -3.57 -1.29 3.47
N HIS A 64 -3.71 -0.26 4.29
CA HIS A 64 -4.92 -0.10 5.11
C HIS A 64 -6.16 0.01 4.23
N ARG A 65 -6.04 0.75 3.14
CA ARG A 65 -7.14 0.91 2.20
C ARG A 65 -7.57 -0.45 1.62
N MET A 66 -6.59 -1.23 1.18
CA MET A 66 -6.86 -2.57 0.68
C MET A 66 -7.55 -3.42 1.74
N TRP A 67 -7.07 -3.34 2.97
CA TRP A 67 -7.66 -4.06 4.08
C TRP A 67 -9.13 -3.70 4.26
N MET A 68 -9.42 -2.41 4.16
CA MET A 68 -10.80 -1.94 4.23
C MET A 68 -11.66 -2.54 3.13
N ARG A 69 -11.11 -2.59 1.92
CA ARG A 69 -11.79 -3.20 0.79
C ARG A 69 -12.06 -4.68 1.03
N LEU A 70 -11.10 -5.35 1.67
CA LEU A 70 -11.25 -6.75 2.03
C LEU A 70 -12.37 -6.95 3.03
N GLN A 71 -12.45 -6.04 4.01
CA GLN A 71 -13.52 -6.08 5.00
C GLN A 71 -14.86 -5.68 4.38
N GLU A 72 -14.81 -4.83 3.37
CA GLU A 72 -16.02 -4.39 2.69
C GLU A 72 -16.71 -5.54 1.97
N ILE A 6 3.23 -2.23 3.75
CA ILE A 6 2.94 -3.36 2.88
C ILE A 6 3.21 -4.68 3.60
N GLY A 7 4.01 -4.63 4.65
CA GLY A 7 4.28 -5.80 5.48
C GLY A 7 2.98 -6.36 6.05
N TRP A 8 2.06 -5.47 6.42
CA TRP A 8 0.75 -5.89 6.88
C TRP A 8 0.06 -6.78 5.86
N LEU A 9 0.04 -6.33 4.61
CA LEU A 9 -0.62 -7.07 3.54
C LEU A 9 0.06 -8.41 3.28
N GLN A 10 1.39 -8.41 3.38
CA GLN A 10 2.16 -9.64 3.21
C GLN A 10 1.79 -10.67 4.26
N GLU A 11 1.76 -10.26 5.52
CA GLU A 11 1.39 -11.13 6.61
C GLU A 11 -0.06 -11.60 6.48
N MET A 12 -0.94 -10.68 6.10
CA MET A 12 -2.33 -11.02 5.83
C MET A 12 -2.44 -12.15 4.82
N CYS A 13 -1.77 -11.98 3.69
CA CYS A 13 -1.83 -12.96 2.60
C CYS A 13 -1.33 -14.32 3.06
N MET A 14 -0.19 -14.34 3.75
CA MET A 14 0.39 -15.57 4.24
C MET A 14 -0.55 -16.30 5.20
N GLN A 15 -1.14 -15.54 6.12
CA GLN A 15 -2.03 -16.11 7.11
C GLN A 15 -3.32 -16.63 6.47
N ARG A 16 -3.79 -15.92 5.46
CA ARG A 16 -5.07 -16.25 4.82
C ARG A 16 -4.86 -17.17 3.62
N ARG A 17 -3.61 -17.56 3.40
CA ARG A 17 -3.28 -18.46 2.30
C ARG A 17 -3.69 -17.87 0.95
N TRP A 18 -3.51 -16.56 0.81
CA TRP A 18 -3.82 -15.87 -0.44
C TRP A 18 -2.60 -15.82 -1.35
N PRO A 19 -2.84 -15.60 -2.64
CA PRO A 19 -1.76 -15.42 -3.60
C PRO A 19 -0.81 -14.31 -3.15
N PRO A 20 0.42 -14.37 -3.62
CA PRO A 20 1.42 -13.36 -3.30
C PRO A 20 0.90 -11.96 -3.59
N PRO A 21 1.16 -11.03 -2.68
CA PRO A 21 0.69 -9.66 -2.84
C PRO A 21 1.54 -8.90 -3.84
N SER A 22 0.95 -7.88 -4.47
CA SER A 22 1.68 -7.01 -5.37
C SER A 22 1.59 -5.55 -4.91
N TYR A 23 2.59 -4.76 -5.30
CA TYR A 23 2.62 -3.35 -4.93
C TYR A 23 3.54 -2.56 -5.86
N GLU A 24 3.49 -1.24 -5.76
CA GLU A 24 4.32 -0.38 -6.58
C GLU A 24 4.69 0.91 -5.85
N THR A 25 5.97 1.26 -5.89
CA THR A 25 6.47 2.41 -5.14
C THR A 25 6.71 3.60 -6.05
N GLU A 26 6.03 4.71 -5.76
CA GLU A 26 6.30 5.97 -6.44
C GLU A 26 6.90 6.99 -5.49
N THR A 27 8.08 7.50 -5.84
CA THR A 27 8.82 8.39 -4.96
C THR A 27 8.90 9.79 -5.52
N GLU A 28 9.17 10.77 -4.66
CA GLU A 28 9.34 12.15 -5.09
C GLU A 28 8.14 12.63 -5.90
N VAL A 29 6.96 12.47 -5.34
CA VAL A 29 5.74 12.95 -5.98
C VAL A 29 5.09 14.07 -5.17
N GLY A 30 3.97 14.58 -5.66
CA GLY A 30 3.26 15.67 -5.00
C GLY A 30 3.73 17.02 -5.52
N LEU A 31 3.75 18.01 -4.62
CA LEU A 31 4.15 19.36 -4.99
C LEU A 31 5.66 19.47 -5.16
N PRO A 32 6.10 20.43 -5.96
CA PRO A 32 7.52 20.63 -6.21
C PRO A 32 8.29 20.81 -4.91
N HIS A 33 7.63 21.39 -3.91
CA HIS A 33 8.28 21.73 -2.66
C HIS A 33 8.01 20.67 -1.59
N GLU A 34 7.10 19.75 -1.90
CA GLU A 34 6.70 18.72 -0.95
C GLU A 34 7.02 17.32 -1.48
N ARG A 35 8.13 16.76 -1.01
CA ARG A 35 8.54 15.41 -1.43
C ARG A 35 7.67 14.35 -0.77
N LEU A 36 6.59 13.96 -1.47
CA LEU A 36 5.67 12.96 -0.95
C LEU A 36 5.94 11.59 -1.58
N PHE A 37 5.35 10.56 -0.99
CA PHE A 37 5.50 9.21 -1.50
C PHE A 37 4.14 8.53 -1.68
N THR A 38 3.97 7.84 -2.81
CA THR A 38 2.72 7.16 -3.10
C THR A 38 2.94 5.66 -3.29
N ILE A 39 2.28 4.87 -2.46
CA ILE A 39 2.40 3.41 -2.54
C ILE A 39 1.09 2.79 -3.01
N ALA A 40 1.16 2.04 -4.12
CA ALA A 40 0.01 1.30 -4.61
C ALA A 40 0.09 -0.17 -4.24
N CYS A 41 -1.04 -0.76 -3.90
CA CYS A 41 -1.09 -2.17 -3.53
C CYS A 41 -2.20 -2.90 -4.29
N SER A 42 -2.00 -4.18 -4.53
CA SER A 42 -2.99 -5.00 -5.21
C SER A 42 -3.15 -6.35 -4.54
N ILE A 43 -4.37 -6.65 -4.09
CA ILE A 43 -4.64 -7.91 -3.40
C ILE A 43 -5.85 -8.60 -4.00
N LEU A 44 -5.67 -9.86 -4.38
CA LEU A 44 -6.73 -10.63 -5.03
C LEU A 44 -7.24 -9.92 -6.27
N ASN A 45 -8.52 -9.56 -6.26
CA ASN A 45 -9.12 -8.84 -7.37
C ASN A 45 -9.37 -7.38 -7.03
N TYR A 46 -8.58 -6.86 -6.10
CA TYR A 46 -8.74 -5.49 -5.63
C TYR A 46 -7.44 -4.70 -5.76
N ARG A 47 -7.56 -3.38 -5.87
CA ARG A 47 -6.39 -2.52 -5.96
C ARG A 47 -6.67 -1.16 -5.32
N GLU A 48 -5.70 -0.67 -4.55
CA GLU A 48 -5.83 0.61 -3.87
C GLU A 48 -4.47 1.15 -3.45
N MET A 49 -4.39 2.47 -3.31
CA MET A 49 -3.12 3.14 -3.02
C MET A 49 -3.28 4.19 -1.94
N GLY A 50 -2.16 4.56 -1.31
CA GLY A 50 -2.16 5.60 -0.29
C GLY A 50 -0.90 6.45 -0.37
N LYS A 51 -1.03 7.73 -0.03
CA LYS A 51 0.09 8.66 -0.13
C LYS A 51 0.41 9.27 1.24
N GLY A 52 1.70 9.41 1.51
CA GLY A 52 2.16 9.96 2.79
C GLY A 52 3.36 10.87 2.60
N LYS A 53 3.84 11.44 3.70
CA LYS A 53 4.99 12.33 3.66
C LYS A 53 6.30 11.54 3.59
N SER A 54 6.27 10.32 4.10
CA SER A 54 7.42 9.42 4.00
C SER A 54 7.02 8.11 3.34
N LYS A 55 8.02 7.42 2.78
CA LYS A 55 7.78 6.14 2.10
C LYS A 55 7.12 5.14 3.03
N LYS A 56 7.64 5.03 4.25
CA LYS A 56 7.09 4.10 5.24
C LYS A 56 5.66 4.47 5.59
N ILE A 57 5.40 5.76 5.77
CA ILE A 57 4.06 6.25 6.06
C ILE A 57 3.11 5.89 4.93
N ALA A 58 3.54 6.10 3.69
CA ALA A 58 2.73 5.81 2.53
C ALA A 58 2.41 4.32 2.42
N LYS A 59 3.40 3.49 2.75
CA LYS A 59 3.21 2.04 2.75
C LYS A 59 2.15 1.63 3.77
N ARG A 60 2.22 2.22 4.95
CA ARG A 60 1.25 1.93 6.00
C ARG A 60 -0.15 2.37 5.60
N LEU A 61 -0.25 3.57 5.03
CA LEU A 61 -1.53 4.09 4.56
C LEU A 61 -2.07 3.26 3.40
N ALA A 62 -1.17 2.79 2.55
CA ALA A 62 -1.56 1.96 1.42
C ALA A 62 -2.11 0.62 1.88
N ALA A 63 -1.46 0.03 2.89
CA ALA A 63 -1.92 -1.23 3.46
C ALA A 63 -3.29 -1.07 4.09
N HIS A 64 -3.48 0.00 4.83
CA HIS A 64 -4.78 0.29 5.45
C HIS A 64 -5.86 0.47 4.39
N ARG A 65 -5.60 1.32 3.42
CA ARG A 65 -6.56 1.57 2.34
C ARG A 65 -6.87 0.30 1.57
N MET A 66 -5.84 -0.49 1.29
CA MET A 66 -6.01 -1.78 0.63
C MET A 66 -6.93 -2.69 1.41
N TRP A 67 -6.69 -2.79 2.72
CA TRP A 67 -7.54 -3.58 3.59
C TRP A 67 -9.00 -3.13 3.51
N MET A 68 -9.20 -1.82 3.55
CA MET A 68 -10.54 -1.26 3.43
C MET A 68 -11.20 -1.65 2.11
N ARG A 69 -10.44 -1.54 1.02
CA ARG A 69 -10.94 -1.89 -0.30
C ARG A 69 -11.31 -3.37 -0.37
N LEU A 70 -10.53 -4.21 0.30
CA LEU A 70 -10.83 -5.63 0.40
C LEU A 70 -12.14 -5.87 1.14
N GLN A 71 -12.36 -5.12 2.22
CA GLN A 71 -13.59 -5.22 2.98
C GLN A 71 -14.79 -4.75 2.16
N GLU A 72 -14.57 -3.73 1.34
CA GLU A 72 -15.61 -3.23 0.45
C GLU A 72 -16.10 -4.33 -0.49
N ILE A 6 2.43 -2.49 7.66
CA ILE A 6 2.66 -2.85 6.27
C ILE A 6 2.76 -4.35 6.09
N GLY A 7 3.76 -4.95 6.72
CA GLY A 7 3.97 -6.40 6.64
C GLY A 7 2.82 -7.15 7.31
N TRP A 8 2.13 -6.47 8.21
CA TRP A 8 0.95 -7.04 8.86
C TRP A 8 -0.08 -7.52 7.84
N LEU A 9 -0.26 -6.74 6.78
CA LEU A 9 -1.19 -7.08 5.72
C LEU A 9 -0.75 -8.36 5.00
N GLN A 10 0.55 -8.45 4.72
CA GLN A 10 1.10 -9.65 4.09
C GLN A 10 0.89 -10.88 4.97
N GLU A 11 1.05 -10.71 6.27
CA GLU A 11 0.82 -11.78 7.23
C GLU A 11 -0.62 -12.28 7.17
N MET A 12 -1.56 -11.33 7.18
CA MET A 12 -2.97 -11.67 7.09
C MET A 12 -3.31 -12.33 5.77
N CYS A 13 -2.69 -11.85 4.69
CA CYS A 13 -2.86 -12.44 3.38
C CYS A 13 -2.46 -13.91 3.37
N MET A 14 -1.28 -14.20 3.92
CA MET A 14 -0.79 -15.56 4.01
C MET A 14 -1.73 -16.44 4.82
N GLN A 15 -2.24 -15.88 5.91
CA GLN A 15 -3.20 -16.59 6.75
C GLN A 15 -4.49 -16.87 6.00
N ARG A 16 -4.85 -15.97 5.09
CA ARG A 16 -6.05 -16.13 4.28
C ARG A 16 -5.75 -16.91 3.00
N ARG A 17 -4.53 -17.40 2.89
CA ARG A 17 -4.13 -18.21 1.73
C ARG A 17 -4.21 -17.40 0.45
N TRP A 18 -3.97 -16.10 0.55
CA TRP A 18 -3.96 -15.22 -0.61
C TRP A 18 -2.54 -14.80 -0.96
N PRO A 19 -2.32 -14.46 -2.23
CA PRO A 19 -1.03 -13.95 -2.67
C PRO A 19 -0.61 -12.72 -1.87
N PRO A 20 0.67 -12.65 -1.53
CA PRO A 20 1.22 -11.48 -0.85
C PRO A 20 0.89 -10.20 -1.61
N PRO A 21 0.79 -9.10 -0.88
CA PRO A 21 0.49 -7.80 -1.49
C PRO A 21 1.61 -7.35 -2.39
N SER A 22 1.26 -6.76 -3.54
CA SER A 22 2.23 -6.22 -4.47
C SER A 22 2.28 -4.70 -4.41
N TYR A 23 3.42 -4.16 -4.01
CA TYR A 23 3.57 -2.72 -3.87
C TYR A 23 4.29 -2.11 -5.08
N GLU A 24 3.79 -0.97 -5.55
CA GLU A 24 4.45 -0.24 -6.63
C GLU A 24 4.68 1.22 -6.25
N THR A 25 5.93 1.64 -6.28
CA THR A 25 6.30 2.99 -5.82
C THR A 25 6.41 3.95 -6.98
N GLU A 26 5.77 5.10 -6.85
CA GLU A 26 5.85 6.16 -7.86
C GLU A 26 6.85 7.23 -7.46
N THR A 27 7.32 7.99 -8.44
CA THR A 27 8.29 9.06 -8.19
C THR A 27 7.71 10.12 -7.26
N GLU A 28 8.51 10.52 -6.28
CA GLU A 28 8.09 11.52 -5.31
C GLU A 28 7.72 12.84 -5.99
N VAL A 29 6.72 13.52 -5.46
CA VAL A 29 6.24 14.77 -6.04
C VAL A 29 6.21 15.88 -5.01
N GLY A 30 7.13 15.83 -4.06
CA GLY A 30 7.18 16.81 -2.99
C GLY A 30 8.39 17.73 -3.14
N LEU A 31 8.92 18.19 -2.00
CA LEU A 31 10.05 19.10 -2.01
C LEU A 31 11.37 18.36 -1.78
N PRO A 32 12.47 19.00 -2.17
CA PRO A 32 13.79 18.42 -1.97
C PRO A 32 14.02 18.06 -0.51
N HIS A 33 13.50 18.88 0.39
CA HIS A 33 13.68 18.67 1.82
C HIS A 33 12.44 18.05 2.45
N GLU A 34 11.36 18.01 1.70
CA GLU A 34 10.12 17.41 2.17
C GLU A 34 9.44 16.62 1.06
N ARG A 35 10.04 15.49 0.67
CA ARG A 35 9.54 14.70 -0.45
C ARG A 35 8.22 14.03 -0.10
N LEU A 36 7.33 13.95 -1.09
CA LEU A 36 6.04 13.30 -0.91
C LEU A 36 5.92 12.07 -1.79
N PHE A 37 5.69 10.92 -1.16
CA PHE A 37 5.74 9.64 -1.85
C PHE A 37 4.35 9.05 -2.07
N THR A 38 4.16 8.38 -3.19
CA THR A 38 2.90 7.71 -3.48
C THR A 38 3.13 6.26 -3.89
N ILE A 39 2.48 5.34 -3.18
CA ILE A 39 2.69 3.92 -3.39
C ILE A 39 1.37 3.16 -3.44
N ALA A 40 1.20 2.33 -4.47
CA ALA A 40 -0.02 1.57 -4.64
C ALA A 40 0.18 0.12 -4.21
N CYS A 41 -0.90 -0.52 -3.75
CA CYS A 41 -0.85 -1.90 -3.31
C CYS A 41 -1.96 -2.72 -3.93
N SER A 42 -1.59 -3.82 -4.58
CA SER A 42 -2.55 -4.65 -5.28
C SER A 42 -2.64 -6.04 -4.64
N ILE A 43 -3.87 -6.50 -4.42
CA ILE A 43 -4.10 -7.86 -3.95
C ILE A 43 -5.25 -8.51 -4.73
N LEU A 44 -4.96 -9.66 -5.33
CA LEU A 44 -5.95 -10.38 -6.12
C LEU A 44 -6.47 -9.51 -7.25
N ASN A 45 -7.74 -9.13 -7.18
CA ASN A 45 -8.37 -8.32 -8.20
C ASN A 45 -8.62 -6.90 -7.71
N TYR A 46 -7.96 -6.53 -6.62
CA TYR A 46 -8.17 -5.23 -5.99
C TYR A 46 -6.87 -4.44 -5.93
N ARG A 47 -6.98 -3.12 -5.82
CA ARG A 47 -5.82 -2.25 -5.75
C ARG A 47 -6.18 -0.90 -5.15
N GLU A 48 -5.40 -0.47 -4.16
CA GLU A 48 -5.61 0.83 -3.54
C GLU A 48 -4.29 1.61 -3.44
N MET A 49 -4.40 2.93 -3.51
CA MET A 49 -3.22 3.79 -3.54
C MET A 49 -3.12 4.65 -2.29
N GLY A 50 -1.95 4.64 -1.66
CA GLY A 50 -1.70 5.49 -0.49
C GLY A 50 -0.53 6.43 -0.74
N LYS A 51 -0.37 7.40 0.16
CA LYS A 51 0.68 8.40 0.00
C LYS A 51 0.98 9.09 1.33
N GLY A 52 2.11 9.79 1.39
CA GLY A 52 2.50 10.52 2.59
C GLY A 52 3.88 11.14 2.44
N LYS A 53 4.50 11.47 3.56
CA LYS A 53 5.80 12.14 3.55
C LYS A 53 6.94 11.13 3.49
N SER A 54 6.60 9.85 3.50
CA SER A 54 7.58 8.79 3.36
C SER A 54 7.00 7.58 2.65
N LYS A 55 7.88 6.73 2.12
CA LYS A 55 7.46 5.49 1.50
C LYS A 55 6.74 4.58 2.49
N LYS A 56 7.19 4.61 3.74
CA LYS A 56 6.55 3.85 4.81
C LYS A 56 5.10 4.28 4.99
N ILE A 57 4.89 5.58 5.13
CA ILE A 57 3.55 6.13 5.32
C ILE A 57 2.64 5.78 4.14
N ALA A 58 3.18 5.90 2.93
CA ALA A 58 2.44 5.57 1.72
C ALA A 58 1.99 4.12 1.74
N LYS A 59 2.91 3.23 2.08
CA LYS A 59 2.60 1.80 2.15
C LYS A 59 1.60 1.51 3.25
N ARG A 60 1.72 2.23 4.36
CA ARG A 60 0.83 2.04 5.50
C ARG A 60 -0.61 2.36 5.14
N LEU A 61 -0.81 3.51 4.50
CA LEU A 61 -2.14 3.94 4.08
C LEU A 61 -2.71 3.00 3.01
N ALA A 62 -1.87 2.65 2.05
CA ALA A 62 -2.27 1.71 1.00
C ALA A 62 -2.69 0.38 1.59
N ALA A 63 -1.92 -0.11 2.56
CA ALA A 63 -2.21 -1.38 3.22
C ALA A 63 -3.54 -1.32 3.96
N HIS A 64 -3.76 -0.24 4.70
CA HIS A 64 -5.01 -0.02 5.39
C HIS A 64 -6.19 -0.02 4.43
N ARG A 65 -6.05 0.70 3.33
CA ARG A 65 -7.08 0.77 2.31
C ARG A 65 -7.39 -0.62 1.75
N MET A 66 -6.34 -1.37 1.45
CA MET A 66 -6.49 -2.71 0.88
C MET A 66 -7.19 -3.64 1.86
N TRP A 67 -6.82 -3.54 3.14
CA TRP A 67 -7.48 -4.31 4.19
C TRP A 67 -8.99 -4.08 4.17
N MET A 68 -9.39 -2.82 4.21
CA MET A 68 -10.81 -2.48 4.17
C MET A 68 -11.46 -2.98 2.89
N ARG A 69 -10.80 -2.73 1.76
CA ARG A 69 -11.33 -3.14 0.46
C ARG A 69 -11.64 -4.64 0.44
N LEU A 70 -10.70 -5.44 0.93
CA LEU A 70 -10.84 -6.89 0.91
C LEU A 70 -11.93 -7.36 1.86
N GLN A 71 -12.00 -6.73 3.03
CA GLN A 71 -13.01 -7.07 4.02
C GLN A 71 -14.41 -6.71 3.53
N GLU A 72 -14.51 -5.62 2.77
CA GLU A 72 -15.77 -5.19 2.20
C GLU A 72 -16.18 -6.10 1.03
N ILE A 6 0.43 -2.78 7.90
CA ILE A 6 0.82 -3.76 6.89
C ILE A 6 0.53 -5.18 7.37
N GLY A 7 0.80 -5.43 8.65
CA GLY A 7 0.57 -6.74 9.25
C GLY A 7 -0.88 -7.17 9.07
N TRP A 8 -1.79 -6.21 9.19
CA TRP A 8 -3.22 -6.48 8.99
C TRP A 8 -3.47 -7.11 7.63
N LEU A 9 -2.92 -6.49 6.59
CA LEU A 9 -3.13 -6.95 5.22
C LEU A 9 -2.47 -8.30 4.98
N GLN A 10 -1.29 -8.48 5.56
CA GLN A 10 -0.59 -9.76 5.47
C GLN A 10 -1.42 -10.89 6.06
N GLU A 11 -2.03 -10.62 7.21
CA GLU A 11 -2.93 -11.59 7.83
C GLU A 11 -4.12 -11.90 6.95
N MET A 12 -4.74 -10.86 6.40
CA MET A 12 -5.81 -11.03 5.44
C MET A 12 -5.41 -11.99 4.32
N CYS A 13 -4.27 -11.74 3.71
CA CYS A 13 -3.78 -12.56 2.61
C CYS A 13 -3.65 -14.02 3.03
N MET A 14 -2.98 -14.25 4.16
CA MET A 14 -2.75 -15.60 4.66
C MET A 14 -4.06 -16.32 4.91
N GLN A 15 -5.02 -15.62 5.50
CA GLN A 15 -6.32 -16.20 5.81
C GLN A 15 -7.06 -16.64 4.56
N ARG A 16 -6.98 -15.81 3.52
CA ARG A 16 -7.67 -16.09 2.26
C ARG A 16 -6.76 -16.86 1.30
N ARG A 17 -5.58 -17.22 1.77
CA ARG A 17 -4.63 -17.98 0.95
C ARG A 17 -4.34 -17.26 -0.36
N TRP A 18 -4.26 -15.93 -0.29
CA TRP A 18 -3.97 -15.12 -1.47
C TRP A 18 -2.50 -14.70 -1.50
N PRO A 19 -2.04 -14.31 -2.69
CA PRO A 19 -0.65 -13.90 -2.86
C PRO A 19 -0.29 -12.77 -1.91
N PRO A 20 0.95 -12.79 -1.43
CA PRO A 20 1.45 -11.72 -0.57
C PRO A 20 1.26 -10.35 -1.21
N PRO A 21 1.09 -9.33 -0.38
CA PRO A 21 0.93 -7.96 -0.87
C PRO A 21 2.06 -7.58 -1.82
N SER A 22 1.69 -7.06 -2.98
CA SER A 22 2.68 -6.56 -3.93
C SER A 22 2.70 -5.03 -3.98
N TYR A 23 3.85 -4.45 -3.67
CA TYR A 23 3.98 -3.01 -3.55
C TYR A 23 4.76 -2.43 -4.73
N GLU A 24 4.27 -1.31 -5.27
CA GLU A 24 4.99 -0.59 -6.31
C GLU A 24 5.10 0.90 -5.96
N THR A 25 6.18 1.52 -6.41
CA THR A 25 6.45 2.92 -6.09
C THR A 25 5.95 3.83 -7.20
N GLU A 26 5.08 4.78 -6.84
CA GLU A 26 4.53 5.71 -7.81
C GLU A 26 5.35 6.99 -7.87
N THR A 27 4.94 7.92 -8.73
CA THR A 27 5.68 9.16 -8.93
C THR A 27 5.59 10.06 -7.70
N GLU A 28 6.74 10.61 -7.30
CA GLU A 28 6.77 11.58 -6.21
C GLU A 28 5.98 12.83 -6.56
N VAL A 29 5.11 13.24 -5.64
CA VAL A 29 4.17 14.32 -5.92
C VAL A 29 4.02 15.24 -4.71
N GLY A 30 5.11 15.89 -4.32
CA GLY A 30 5.11 16.79 -3.18
C GLY A 30 6.01 18.00 -3.43
N LEU A 31 6.39 18.67 -2.36
CA LEU A 31 7.18 19.89 -2.46
C LEU A 31 8.66 19.60 -2.18
N PRO A 32 9.53 20.47 -2.67
CA PRO A 32 10.96 20.35 -2.42
C PRO A 32 11.28 20.55 -0.94
N HIS A 33 10.36 21.19 -0.23
CA HIS A 33 10.51 21.40 1.20
C HIS A 33 9.60 20.46 1.99
N GLU A 34 8.60 19.91 1.32
CA GLU A 34 7.70 18.94 1.94
C GLU A 34 7.36 17.80 0.98
N ARG A 35 8.29 16.86 0.84
CA ARG A 35 8.17 15.81 -0.15
C ARG A 35 7.01 14.87 0.18
N LEU A 36 6.30 14.43 -0.85
CA LEU A 36 5.21 13.48 -0.68
C LEU A 36 5.35 12.30 -1.64
N PHE A 37 5.19 11.09 -1.10
CA PHE A 37 5.39 9.88 -1.88
C PHE A 37 4.13 9.02 -1.92
N THR A 38 3.95 8.31 -3.02
CA THR A 38 2.77 7.46 -3.19
C THR A 38 3.16 6.02 -3.47
N ILE A 39 2.55 5.10 -2.74
CA ILE A 39 2.79 3.67 -2.93
C ILE A 39 1.51 2.92 -3.26
N ALA A 40 1.58 2.05 -4.26
CA ALA A 40 0.42 1.25 -4.66
C ALA A 40 0.56 -0.19 -4.18
N CYS A 41 -0.48 -0.69 -3.52
CA CYS A 41 -0.49 -2.06 -3.04
C CYS A 41 -1.54 -2.89 -3.76
N SER A 42 -1.12 -4.01 -4.33
CA SER A 42 -2.01 -4.87 -5.10
C SER A 42 -2.21 -6.21 -4.42
N ILE A 43 -3.46 -6.64 -4.32
CA ILE A 43 -3.78 -7.96 -3.78
C ILE A 43 -4.56 -8.78 -4.80
N LEU A 44 -3.85 -9.64 -5.52
CA LEU A 44 -4.48 -10.56 -6.47
C LEU A 44 -5.27 -9.80 -7.53
N ASN A 45 -6.54 -9.56 -7.26
CA ASN A 45 -7.43 -8.93 -8.24
C ASN A 45 -7.75 -7.50 -7.85
N TYR A 46 -7.16 -7.04 -6.76
CA TYR A 46 -7.44 -5.70 -6.24
C TYR A 46 -6.18 -4.86 -6.17
N ARG A 47 -6.36 -3.55 -6.11
CA ARG A 47 -5.24 -2.61 -6.03
C ARG A 47 -5.68 -1.26 -5.49
N GLU A 48 -4.91 -0.74 -4.54
CA GLU A 48 -5.18 0.59 -3.99
C GLU A 48 -3.89 1.28 -3.55
N MET A 49 -3.78 2.57 -3.85
CA MET A 49 -2.57 3.33 -3.51
C MET A 49 -2.86 4.33 -2.40
N GLY A 50 -1.79 4.76 -1.73
CA GLY A 50 -1.91 5.79 -0.69
C GLY A 50 -0.69 6.70 -0.69
N LYS A 51 -0.87 7.92 -0.20
CA LYS A 51 0.19 8.92 -0.20
C LYS A 51 0.54 9.37 1.21
N GLY A 52 1.83 9.55 1.47
CA GLY A 52 2.31 9.97 2.77
C GLY A 52 3.55 10.84 2.66
N LYS A 53 4.13 11.19 3.81
CA LYS A 53 5.30 12.05 3.83
C LYS A 53 6.55 11.29 3.43
N SER A 54 6.50 9.97 3.52
CA SER A 54 7.59 9.12 3.07
C SER A 54 7.07 7.89 2.33
N LYS A 55 7.98 7.18 1.68
CA LYS A 55 7.63 5.94 0.99
C LYS A 55 7.17 4.88 1.97
N LYS A 56 7.74 4.89 3.17
CA LYS A 56 7.36 3.95 4.21
C LYS A 56 5.95 4.24 4.72
N ILE A 57 5.67 5.52 4.96
CA ILE A 57 4.35 5.95 5.40
C ILE A 57 3.29 5.63 4.35
N ALA A 58 3.58 6.00 3.10
CA ALA A 58 2.67 5.73 1.99
C ALA A 58 2.42 4.24 1.82
N LYS A 59 3.48 3.45 1.97
CA LYS A 59 3.37 2.00 1.91
C LYS A 59 2.39 1.47 2.95
N ARG A 60 2.57 1.91 4.19
CA ARG A 60 1.70 1.49 5.29
C ARG A 60 0.26 1.90 5.04
N LEU A 61 0.07 3.14 4.59
CA LEU A 61 -1.26 3.67 4.31
C LEU A 61 -1.96 2.85 3.22
N ALA A 62 -1.23 2.57 2.15
CA ALA A 62 -1.78 1.77 1.05
C ALA A 62 -2.20 0.39 1.53
N ALA A 63 -1.36 -0.23 2.36
CA ALA A 63 -1.65 -1.54 2.91
C ALA A 63 -2.93 -1.52 3.74
N HIS A 64 -3.07 -0.50 4.59
CA HIS A 64 -4.24 -0.35 5.43
C HIS A 64 -5.50 -0.11 4.59
N ARG A 65 -5.36 0.68 3.54
CA ARG A 65 -6.46 0.96 2.62
C ARG A 65 -6.92 -0.30 1.92
N MET A 66 -5.97 -1.14 1.53
CA MET A 66 -6.27 -2.43 0.92
C MET A 66 -6.98 -3.35 1.90
N TRP A 67 -6.49 -3.37 3.13
CA TRP A 67 -7.09 -4.18 4.19
C TRP A 67 -8.55 -3.77 4.43
N MET A 68 -8.79 -2.47 4.46
CA MET A 68 -10.14 -1.95 4.60
C MET A 68 -11.01 -2.33 3.41
N ARG A 69 -10.47 -2.16 2.21
CA ARG A 69 -11.17 -2.53 0.98
C ARG A 69 -11.62 -3.99 1.04
N LEU A 70 -10.70 -4.87 1.43
CA LEU A 70 -10.98 -6.30 1.42
C LEU A 70 -11.89 -6.69 2.57
N GLN A 71 -11.69 -6.05 3.72
CA GLN A 71 -12.53 -6.29 4.89
C GLN A 71 -13.99 -5.98 4.60
N GLU A 72 -14.22 -4.81 3.99
CA GLU A 72 -15.57 -4.41 3.63
C GLU A 72 -16.16 -5.33 2.57
#